data_1PRB
# 
_entry.id   1PRB 
# 
_audit_conform.dict_name       mmcif_pdbx.dic 
_audit_conform.dict_version    5.392 
_audit_conform.dict_location   http://mmcif.pdb.org/dictionaries/ascii/mmcif_pdbx.dic 
# 
loop_
_database_2.database_id 
_database_2.database_code 
_database_2.pdbx_database_accession 
_database_2.pdbx_DOI 
PDB   1PRB         pdb_00001prb 10.2210/pdb1prb/pdb 
WWPDB D_1000175799 ?            ?                   
# 
loop_
_pdbx_audit_revision_history.ordinal 
_pdbx_audit_revision_history.data_content_type 
_pdbx_audit_revision_history.major_revision 
_pdbx_audit_revision_history.minor_revision 
_pdbx_audit_revision_history.revision_date 
1 'Structure model' 1 0 1997-07-23 
2 'Structure model' 1 1 2008-03-24 
3 'Structure model' 1 2 2011-07-13 
4 'Structure model' 1 3 2021-10-27 
5 'Structure model' 1 4 2024-05-22 
# 
_pdbx_audit_revision_details.ordinal             1 
_pdbx_audit_revision_details.revision_ordinal    1 
_pdbx_audit_revision_details.data_content_type   'Structure model' 
_pdbx_audit_revision_details.provider            repository 
_pdbx_audit_revision_details.type                'Initial release' 
_pdbx_audit_revision_details.description         ? 
_pdbx_audit_revision_details.details             ? 
# 
loop_
_pdbx_audit_revision_group.ordinal 
_pdbx_audit_revision_group.revision_ordinal 
_pdbx_audit_revision_group.data_content_type 
_pdbx_audit_revision_group.group 
1 2 'Structure model' 'Version format compliance' 
2 3 'Structure model' 'Version format compliance' 
3 4 'Structure model' 'Data collection'           
4 4 'Structure model' 'Database references'       
5 4 'Structure model' 'Derived calculations'      
6 4 'Structure model' Other                       
7 5 'Structure model' 'Data collection'           
# 
loop_
_pdbx_audit_revision_category.ordinal 
_pdbx_audit_revision_category.revision_ordinal 
_pdbx_audit_revision_category.data_content_type 
_pdbx_audit_revision_category.category 
1 4 'Structure model' database_2              
2 4 'Structure model' pdbx_database_status    
3 4 'Structure model' pdbx_nmr_representative 
4 4 'Structure model' pdbx_nmr_software       
5 4 'Structure model' pdbx_nmr_spectrometer   
6 4 'Structure model' pdbx_struct_assembly    
7 4 'Structure model' pdbx_struct_oper_list   
8 5 'Structure model' chem_comp_atom          
9 5 'Structure model' chem_comp_bond          
# 
loop_
_pdbx_audit_revision_item.ordinal 
_pdbx_audit_revision_item.revision_ordinal 
_pdbx_audit_revision_item.data_content_type 
_pdbx_audit_revision_item.item 
1 4 'Structure model' '_database_2.pdbx_DOI'                
2 4 'Structure model' '_database_2.pdbx_database_accession' 
3 4 'Structure model' '_pdbx_database_status.process_site'  
4 4 'Structure model' '_pdbx_nmr_software.authors'          
5 4 'Structure model' '_pdbx_nmr_software.classification'   
6 4 'Structure model' '_pdbx_nmr_spectrometer.manufacturer' 
7 4 'Structure model' '_pdbx_nmr_spectrometer.model'        
# 
_pdbx_database_status.status_code                     REL 
_pdbx_database_status.entry_id                        1PRB 
_pdbx_database_status.recvd_initial_deposition_date   1997-01-15 
_pdbx_database_status.deposit_site                    ? 
_pdbx_database_status.process_site                    BNL 
_pdbx_database_status.SG_entry                        . 
_pdbx_database_status.pdb_format_compatible           Y 
_pdbx_database_status.status_code_mr                  ? 
_pdbx_database_status.status_code_sf                  ? 
_pdbx_database_status.status_code_cs                  ? 
_pdbx_database_status.status_code_nmr_data            ? 
_pdbx_database_status.methods_development_category    ? 
# 
loop_
_audit_author.name 
_audit_author.pdbx_ordinal 
'Johansson, M.U.' 1 
'De Chateau, M.'  2 
'Wikstrom, M.'    3 
'Forsen, S.'      4 
'Drakenberg, T.'  5 
'Bjorck, L.'      6 
# 
loop_
_citation.id 
_citation.title 
_citation.journal_abbrev 
_citation.journal_volume 
_citation.page_first 
_citation.page_last 
_citation.year 
_citation.journal_id_ASTM 
_citation.country 
_citation.journal_id_ISSN 
_citation.journal_id_CSD 
_citation.book_publisher 
_citation.pdbx_database_id_PubMed 
_citation.pdbx_database_id_DOI 
primary 'Solution structure of the albumin-binding GA module: a versatile bacterial protein domain.'      J.Mol.Biol.  266 859 865 
1997 JMOBAK UK 0022-2836 0070 ? 9086265 10.1006/jmbi.1996.0856 
1       'The Ga Module, a Mobile Albumin-Binding Bacterial Domain, Adopts a Three-Helix-Bundle Structure' 'FEBS Lett.' 374 257 ?   
1995 FEBLAL NE 0014-5793 0165 ? ?       ?                      
# 
loop_
_citation_author.citation_id 
_citation_author.name 
_citation_author.ordinal 
_citation_author.identifier_ORCID 
primary 'Johansson, M.U.' 1  ? 
primary 'de Chateau, M.'  2  ? 
primary 'Wikstrom, M.'    3  ? 
primary 'Forsen, S.'      4  ? 
primary 'Drakenberg, T.'  5  ? 
primary 'Bjorck, L.'      6  ? 
1       'Johansson, M.U.' 7  ? 
1       'De Chateau, M.'  8  ? 
1       'Bjorck, L.'      9  ? 
1       'Forsen, S.'      10 ? 
1       'Drakenberg, T.'  11 ? 
1       'Wikstrom, M.'    12 ? 
# 
_entity.id                         1 
_entity.type                       polymer 
_entity.src_method                 man 
_entity.pdbx_description           'PROTEIN PAB' 
_entity.formula_weight             5939.786 
_entity.pdbx_number_of_molecules   1 
_entity.pdbx_ec                    ? 
_entity.pdbx_mutation              ? 
_entity.pdbx_fragment              'ALBUMIN-BINDING DOMAIN, RESIDUES 213 - 265' 
_entity.details                    ? 
# 
_entity_name_com.entity_id   1 
_entity_name_com.name        'GA MODULE' 
# 
_entity_poly.entity_id                      1 
_entity_poly.type                           'polypeptide(L)' 
_entity_poly.nstd_linkage                   no 
_entity_poly.nstd_monomer                   no 
_entity_poly.pdbx_seq_one_letter_code       TIDQWLLKNAKEDAIAELKKAGITSDFYFNAINKAKTVEEVNALKNEILKAHA 
_entity_poly.pdbx_seq_one_letter_code_can   TIDQWLLKNAKEDAIAELKKAGITSDFYFNAINKAKTVEEVNALKNEILKAHA 
_entity_poly.pdbx_strand_id                 A 
_entity_poly.pdbx_target_identifier         ? 
# 
loop_
_entity_poly_seq.entity_id 
_entity_poly_seq.num 
_entity_poly_seq.mon_id 
_entity_poly_seq.hetero 
1 1  THR n 
1 2  ILE n 
1 3  ASP n 
1 4  GLN n 
1 5  TRP n 
1 6  LEU n 
1 7  LEU n 
1 8  LYS n 
1 9  ASN n 
1 10 ALA n 
1 11 LYS n 
1 12 GLU n 
1 13 ASP n 
1 14 ALA n 
1 15 ILE n 
1 16 ALA n 
1 17 GLU n 
1 18 LEU n 
1 19 LYS n 
1 20 LYS n 
1 21 ALA n 
1 22 GLY n 
1 23 ILE n 
1 24 THR n 
1 25 SER n 
1 26 ASP n 
1 27 PHE n 
1 28 TYR n 
1 29 PHE n 
1 30 ASN n 
1 31 ALA n 
1 32 ILE n 
1 33 ASN n 
1 34 LYS n 
1 35 ALA n 
1 36 LYS n 
1 37 THR n 
1 38 VAL n 
1 39 GLU n 
1 40 GLU n 
1 41 VAL n 
1 42 ASN n 
1 43 ALA n 
1 44 LEU n 
1 45 LYS n 
1 46 ASN n 
1 47 GLU n 
1 48 ILE n 
1 49 LEU n 
1 50 LYS n 
1 51 ALA n 
1 52 HIS n 
1 53 ALA n 
# 
_entity_src_gen.entity_id                          1 
_entity_src_gen.pdbx_src_id                        1 
_entity_src_gen.pdbx_alt_source_flag               sample 
_entity_src_gen.pdbx_seq_type                      ? 
_entity_src_gen.pdbx_beg_seq_num                   ? 
_entity_src_gen.pdbx_end_seq_num                   ? 
_entity_src_gen.gene_src_common_name               ? 
_entity_src_gen.gene_src_genus                     Finegoldia 
_entity_src_gen.pdbx_gene_src_gene                 ? 
_entity_src_gen.gene_src_species                   'Finegoldia magna' 
_entity_src_gen.gene_src_strain                    ALB8 
_entity_src_gen.gene_src_tissue                    ? 
_entity_src_gen.gene_src_tissue_fraction           ? 
_entity_src_gen.gene_src_details                   ? 
_entity_src_gen.pdbx_gene_src_fragment             ? 
_entity_src_gen.pdbx_gene_src_scientific_name      'Finegoldia magna ATCC 29328' 
_entity_src_gen.pdbx_gene_src_ncbi_taxonomy_id     334413 
_entity_src_gen.pdbx_gene_src_variant              ? 
_entity_src_gen.pdbx_gene_src_cell_line            ? 
_entity_src_gen.pdbx_gene_src_atcc                 ? 
_entity_src_gen.pdbx_gene_src_organ                ? 
_entity_src_gen.pdbx_gene_src_organelle            ? 
_entity_src_gen.pdbx_gene_src_cell                 ? 
_entity_src_gen.pdbx_gene_src_cellular_location    ? 
_entity_src_gen.host_org_common_name               ? 
_entity_src_gen.pdbx_host_org_scientific_name      'Escherichia coli' 
_entity_src_gen.pdbx_host_org_ncbi_taxonomy_id     562 
_entity_src_gen.host_org_genus                     Escherichia 
_entity_src_gen.pdbx_host_org_gene                 ? 
_entity_src_gen.pdbx_host_org_organ                ? 
_entity_src_gen.host_org_species                   ? 
_entity_src_gen.pdbx_host_org_tissue               ? 
_entity_src_gen.pdbx_host_org_tissue_fraction      ? 
_entity_src_gen.pdbx_host_org_strain               ? 
_entity_src_gen.pdbx_host_org_variant              ? 
_entity_src_gen.pdbx_host_org_cell_line            ? 
_entity_src_gen.pdbx_host_org_atcc                 ? 
_entity_src_gen.pdbx_host_org_culture_collection   ? 
_entity_src_gen.pdbx_host_org_cell                 ? 
_entity_src_gen.pdbx_host_org_organelle            ? 
_entity_src_gen.pdbx_host_org_cellular_location    ? 
_entity_src_gen.pdbx_host_org_vector_type          BACTERIAL 
_entity_src_gen.pdbx_host_org_vector               ? 
_entity_src_gen.host_org_details                   ? 
_entity_src_gen.expression_system_id               ? 
_entity_src_gen.plasmid_name                       ? 
_entity_src_gen.plasmid_details                    ? 
_entity_src_gen.pdbx_description                   ? 
# 
loop_
_chem_comp.id 
_chem_comp.type 
_chem_comp.mon_nstd_flag 
_chem_comp.name 
_chem_comp.pdbx_synonyms 
_chem_comp.formula 
_chem_comp.formula_weight 
ALA 'L-peptide linking' y ALANINE         ? 'C3 H7 N O2'     89.093  
ASN 'L-peptide linking' y ASPARAGINE      ? 'C4 H8 N2 O3'    132.118 
ASP 'L-peptide linking' y 'ASPARTIC ACID' ? 'C4 H7 N O4'     133.103 
GLN 'L-peptide linking' y GLUTAMINE       ? 'C5 H10 N2 O3'   146.144 
GLU 'L-peptide linking' y 'GLUTAMIC ACID' ? 'C5 H9 N O4'     147.129 
GLY 'peptide linking'   y GLYCINE         ? 'C2 H5 N O2'     75.067  
HIS 'L-peptide linking' y HISTIDINE       ? 'C6 H10 N3 O2 1' 156.162 
ILE 'L-peptide linking' y ISOLEUCINE      ? 'C6 H13 N O2'    131.173 
LEU 'L-peptide linking' y LEUCINE         ? 'C6 H13 N O2'    131.173 
LYS 'L-peptide linking' y LYSINE          ? 'C6 H15 N2 O2 1' 147.195 
PHE 'L-peptide linking' y PHENYLALANINE   ? 'C9 H11 N O2'    165.189 
SER 'L-peptide linking' y SERINE          ? 'C3 H7 N O3'     105.093 
THR 'L-peptide linking' y THREONINE       ? 'C4 H9 N O3'     119.119 
TRP 'L-peptide linking' y TRYPTOPHAN      ? 'C11 H12 N2 O2'  204.225 
TYR 'L-peptide linking' y TYROSINE        ? 'C9 H11 N O3'    181.189 
VAL 'L-peptide linking' y VALINE          ? 'C5 H11 N O2'    117.146 
# 
loop_
_pdbx_poly_seq_scheme.asym_id 
_pdbx_poly_seq_scheme.entity_id 
_pdbx_poly_seq_scheme.seq_id 
_pdbx_poly_seq_scheme.mon_id 
_pdbx_poly_seq_scheme.ndb_seq_num 
_pdbx_poly_seq_scheme.pdb_seq_num 
_pdbx_poly_seq_scheme.auth_seq_num 
_pdbx_poly_seq_scheme.pdb_mon_id 
_pdbx_poly_seq_scheme.auth_mon_id 
_pdbx_poly_seq_scheme.pdb_strand_id 
_pdbx_poly_seq_scheme.pdb_ins_code 
_pdbx_poly_seq_scheme.hetero 
A 1 1  THR 1  1  1  THR THR A . n 
A 1 2  ILE 2  2  2  ILE ILE A . n 
A 1 3  ASP 3  3  3  ASP ASP A . n 
A 1 4  GLN 4  4  4  GLN GLN A . n 
A 1 5  TRP 5  5  5  TRP TRP A . n 
A 1 6  LEU 6  6  6  LEU LEU A . n 
A 1 7  LEU 7  7  7  LEU LEU A . n 
A 1 8  LYS 8  8  8  LYS LYS A . n 
A 1 9  ASN 9  9  9  ASN ASN A . n 
A 1 10 ALA 10 10 10 ALA ALA A . n 
A 1 11 LYS 11 11 11 LYS LYS A . n 
A 1 12 GLU 12 12 12 GLU GLU A . n 
A 1 13 ASP 13 13 13 ASP ASP A . n 
A 1 14 ALA 14 14 14 ALA ALA A . n 
A 1 15 ILE 15 15 15 ILE ILE A . n 
A 1 16 ALA 16 16 16 ALA ALA A . n 
A 1 17 GLU 17 17 17 GLU GLU A . n 
A 1 18 LEU 18 18 18 LEU LEU A . n 
A 1 19 LYS 19 19 19 LYS LYS A . n 
A 1 20 LYS 20 20 20 LYS LYS A . n 
A 1 21 ALA 21 21 21 ALA ALA A . n 
A 1 22 GLY 22 22 22 GLY GLY A . n 
A 1 23 ILE 23 23 23 ILE ILE A . n 
A 1 24 THR 24 24 24 THR THR A . n 
A 1 25 SER 25 25 25 SER SER A . n 
A 1 26 ASP 26 26 26 ASP ASP A . n 
A 1 27 PHE 27 27 27 PHE PHE A . n 
A 1 28 TYR 28 28 28 TYR TYR A . n 
A 1 29 PHE 29 29 29 PHE PHE A . n 
A 1 30 ASN 30 30 30 ASN ASN A . n 
A 1 31 ALA 31 31 31 ALA ALA A . n 
A 1 32 ILE 32 32 32 ILE ILE A . n 
A 1 33 ASN 33 33 33 ASN ASN A . n 
A 1 34 LYS 34 34 34 LYS LYS A . n 
A 1 35 ALA 35 35 35 ALA ALA A . n 
A 1 36 LYS 36 36 36 LYS LYS A . n 
A 1 37 THR 37 37 37 THR THR A . n 
A 1 38 VAL 38 38 38 VAL VAL A . n 
A 1 39 GLU 39 39 39 GLU GLU A . n 
A 1 40 GLU 40 40 40 GLU GLU A . n 
A 1 41 VAL 41 41 41 VAL VAL A . n 
A 1 42 ASN 42 42 42 ASN ASN A . n 
A 1 43 ALA 43 43 43 ALA ALA A . n 
A 1 44 LEU 44 44 44 LEU LEU A . n 
A 1 45 LYS 45 45 45 LYS LYS A . n 
A 1 46 ASN 46 46 46 ASN ASN A . n 
A 1 47 GLU 47 47 47 GLU GLU A . n 
A 1 48 ILE 48 48 48 ILE ILE A . n 
A 1 49 LEU 49 49 49 LEU LEU A . n 
A 1 50 LYS 50 50 50 LYS LYS A . n 
A 1 51 ALA 51 51 51 ALA ALA A . n 
A 1 52 HIS 52 52 52 HIS HIS A . n 
A 1 53 ALA 53 53 53 ALA ALA A . n 
# 
_cell.entry_id           1PRB 
_cell.length_a           1.000 
_cell.length_b           1.000 
_cell.length_c           1.000 
_cell.angle_alpha        90.00 
_cell.angle_beta         90.00 
_cell.angle_gamma        90.00 
_cell.Z_PDB              1 
_cell.pdbx_unique_axis   ? 
# 
_symmetry.entry_id                         1PRB 
_symmetry.space_group_name_H-M             'P 1' 
_symmetry.pdbx_full_space_group_name_H-M   ? 
_symmetry.cell_setting                     ? 
_symmetry.Int_Tables_number                1 
# 
_exptl.entry_id          1PRB 
_exptl.method            'SOLUTION NMR' 
_exptl.crystals_number   ? 
# 
_struct.entry_id                  1PRB 
_struct.title                     'STRUCTURE OF AN ALBUMIN-BINDING DOMAIN, NMR, MINIMIZED AVERAGE STRUCTURE' 
_struct.pdbx_model_details        ? 
_struct.pdbx_CASP_flag            ? 
_struct.pdbx_model_type_details   ? 
# 
_struct_keywords.entry_id        1PRB 
_struct_keywords.pdbx_keywords   'ALBUMIN-BINDING PROTEIN' 
_struct_keywords.text            'ALBUMIN-BINDING PROTEIN, BACTERIAL SURFACE PROTEINS, EVOLUTION, MODULE SHUFFLING' 
# 
_struct_asym.id                            A 
_struct_asym.pdbx_blank_PDB_chainid_flag   Y 
_struct_asym.pdbx_modified                 N 
_struct_asym.entity_id                     1 
_struct_asym.details                       ? 
# 
_struct_ref.id                         1 
_struct_ref.db_name                    UNP 
_struct_ref.db_code                    PAB_PEPMA 
_struct_ref.entity_id                  1 
_struct_ref.pdbx_db_accession          Q51911 
_struct_ref.pdbx_align_begin           1 
_struct_ref.pdbx_seq_one_letter_code   
;MKLNKKLLMAALAGAIVVGGGVNTFAADEPGAIKVDKAPEAPSQELKLTKEEAEKALKKEKPIAKERLRRLGITSEFILN
QIDKATSREGLESLVQTIKQSYLKDHPIKEEKTEETPKYNNLFDKHELGGLGKDKGPGRFDENGWENNEHGYETRENAEK
AAVKALGDKEINKSYTISQGVDGRYYYVLSREEAETPKKPEEKKPEDKRPKMTIDQWLLKNAKEDAIAELKKAGITSDFY
FNAINKAKTVEEVNALKNEILKAHAGKEVNPSTPEVTPSVPQNHYHENDYANIGAGEGTKEDGKKENSKEGIKRKTAREE
KPGKEEKPAKEDKKENKKKENTDSPNKKKKEKAALPEAGRRKAEILTLAAASLSSVAGAFISLKKRK
;
_struct_ref.pdbx_db_isoform            ? 
# 
_struct_ref_seq.align_id                      1 
_struct_ref_seq.ref_id                        1 
_struct_ref_seq.pdbx_PDB_id_code              1PRB 
_struct_ref_seq.pdbx_strand_id                A 
_struct_ref_seq.seq_align_beg                 1 
_struct_ref_seq.pdbx_seq_align_beg_ins_code   ? 
_struct_ref_seq.seq_align_end                 53 
_struct_ref_seq.pdbx_seq_align_end_ins_code   ? 
_struct_ref_seq.pdbx_db_accession             Q51911 
_struct_ref_seq.db_align_beg                  213 
_struct_ref_seq.pdbx_db_align_beg_ins_code    ? 
_struct_ref_seq.db_align_end                  265 
_struct_ref_seq.pdbx_db_align_end_ins_code    ? 
_struct_ref_seq.pdbx_auth_seq_align_beg       1 
_struct_ref_seq.pdbx_auth_seq_align_end       53 
# 
_pdbx_struct_assembly.id                   1 
_pdbx_struct_assembly.details              author_defined_assembly 
_pdbx_struct_assembly.method_details       ? 
_pdbx_struct_assembly.oligomeric_details   monomeric 
_pdbx_struct_assembly.oligomeric_count     1 
# 
_pdbx_struct_assembly_gen.assembly_id       1 
_pdbx_struct_assembly_gen.oper_expression   1 
_pdbx_struct_assembly_gen.asym_id_list      A 
# 
_pdbx_struct_oper_list.id                   1 
_pdbx_struct_oper_list.type                 'identity operation' 
_pdbx_struct_oper_list.name                 1_555 
_pdbx_struct_oper_list.symmetry_operation   ? 
_pdbx_struct_oper_list.matrix[1][1]         1.0000000000 
_pdbx_struct_oper_list.matrix[1][2]         0.0000000000 
_pdbx_struct_oper_list.matrix[1][3]         0.0000000000 
_pdbx_struct_oper_list.vector[1]            0.0000000000 
_pdbx_struct_oper_list.matrix[2][1]         0.0000000000 
_pdbx_struct_oper_list.matrix[2][2]         1.0000000000 
_pdbx_struct_oper_list.matrix[2][3]         0.0000000000 
_pdbx_struct_oper_list.vector[2]            0.0000000000 
_pdbx_struct_oper_list.matrix[3][1]         0.0000000000 
_pdbx_struct_oper_list.matrix[3][2]         0.0000000000 
_pdbx_struct_oper_list.matrix[3][3]         1.0000000000 
_pdbx_struct_oper_list.vector[3]            0.0000000000 
# 
loop_
_struct_conf.conf_type_id 
_struct_conf.id 
_struct_conf.pdbx_PDB_helix_id 
_struct_conf.beg_label_comp_id 
_struct_conf.beg_label_asym_id 
_struct_conf.beg_label_seq_id 
_struct_conf.pdbx_beg_PDB_ins_code 
_struct_conf.end_label_comp_id 
_struct_conf.end_label_asym_id 
_struct_conf.end_label_seq_id 
_struct_conf.pdbx_end_PDB_ins_code 
_struct_conf.beg_auth_comp_id 
_struct_conf.beg_auth_asym_id 
_struct_conf.beg_auth_seq_id 
_struct_conf.end_auth_comp_id 
_struct_conf.end_auth_asym_id 
_struct_conf.end_auth_seq_id 
_struct_conf.pdbx_PDB_helix_class 
_struct_conf.details 
_struct_conf.pdbx_PDB_helix_length 
HELX_P HELX_P1 1 TRP A 5  ? LEU A 7  ? TRP A 5  LEU A 7  5 ? 3  
HELX_P HELX_P2 2 ALA A 10 ? LEU A 18 ? ALA A 10 LEU A 18 1 ? 9  
HELX_P HELX_P3 3 ASP A 26 ? LYS A 34 ? ASP A 26 LYS A 34 1 ? 9  
HELX_P HELX_P4 4 VAL A 38 ? ILE A 48 ? VAL A 38 ILE A 48 1 ? 11 
# 
_struct_conf_type.id          HELX_P 
_struct_conf_type.criteria    ? 
_struct_conf_type.reference   ? 
# 
loop_
_pdbx_validate_close_contact.id 
_pdbx_validate_close_contact.PDB_model_num 
_pdbx_validate_close_contact.auth_atom_id_1 
_pdbx_validate_close_contact.auth_asym_id_1 
_pdbx_validate_close_contact.auth_comp_id_1 
_pdbx_validate_close_contact.auth_seq_id_1 
_pdbx_validate_close_contact.PDB_ins_code_1 
_pdbx_validate_close_contact.label_alt_id_1 
_pdbx_validate_close_contact.auth_atom_id_2 
_pdbx_validate_close_contact.auth_asym_id_2 
_pdbx_validate_close_contact.auth_comp_id_2 
_pdbx_validate_close_contact.auth_seq_id_2 
_pdbx_validate_close_contact.PDB_ins_code_2 
_pdbx_validate_close_contact.label_alt_id_2 
_pdbx_validate_close_contact.dist 
1  1 O    A TRP 5  ? ? H    A LEU 7  ? ? 0.68 
2  1 HG   A LEU 18 ? ? HE3  A LYS 45 ? ? 1.09 
3  1 HD13 A LEU 18 ? ? HG3  A LYS 45 ? ? 1.14 
4  1 HG22 A THR 1  ? ? H    A ILE 2  ? ? 1.15 
5  1 HD12 A LEU 7  ? ? HG22 A VAL 41 ? ? 1.21 
6  1 HD11 A LEU 18 ? ? HZ3  A LYS 45 ? ? 1.28 
7  1 HE3  A LYS 11 ? ? HB3  A ASN 33 ? ? 1.29 
8  1 HD13 A LEU 18 ? ? HZ1  A LYS 45 ? ? 1.30 
9  1 HD13 A ILE 32 ? ? HD3  A LYS 45 ? ? 1.30 
10 1 HD11 A ILE 23 ? ? HG23 A ILE 48 ? ? 1.31 
11 1 OD1  A ASN 9  ? ? HG23 A VAL 38 ? ? 1.31 
12 1 O    A GLU 47 ? ? H    A ALA 51 ? ? 1.36 
13 1 O    A ILE 2  ? ? H    A TRP 5  ? ? 1.41 
14 1 CG2  A THR 1  ? ? H    A ILE 2  ? ? 1.51 
15 1 HD12 A LEU 7  ? ? CG2  A VAL 41 ? ? 1.52 
16 1 OH   A TYR 28 ? ? HB3  A HIS 52 ? ? 1.53 
17 1 O    A THR 1  ? ? HG21 A ILE 2  ? ? 1.55 
18 1 O    A ILE 48 ? ? HD2  A HIS 52 ? ? 1.59 
19 1 CD2  A TYR 28 ? ? HG12 A ILE 48 ? ? 1.60 
20 1 O    A TRP 5  ? ? N    A LEU 7  ? ? 1.64 
21 1 OH   A TYR 28 ? ? O    A ALA 51 ? ? 2.05 
22 1 OD1  A ASN 9  ? ? CG2  A VAL 38 ? ? 2.16 
# 
loop_
_pdbx_validate_torsion.id 
_pdbx_validate_torsion.PDB_model_num 
_pdbx_validate_torsion.auth_comp_id 
_pdbx_validate_torsion.auth_asym_id 
_pdbx_validate_torsion.auth_seq_id 
_pdbx_validate_torsion.PDB_ins_code 
_pdbx_validate_torsion.label_alt_id 
_pdbx_validate_torsion.phi 
_pdbx_validate_torsion.psi 
1  1 ILE A 2  ? ? 79.81   -5.76   
2  1 ASP A 3  ? ? -34.42  -36.52  
3  1 GLN A 4  ? ? -42.89  -18.97  
4  1 TRP A 5  ? ? -26.27  -91.80  
5  1 LEU A 6  ? ? 36.65   -28.56  
6  1 LEU A 7  ? ? 83.56   4.81    
7  1 LYS A 8  ? ? -77.55  49.12   
8  1 LYS A 11 ? ? -53.04  -76.76  
9  1 ALA A 35 ? ? -41.48  -179.01 
10 1 LYS A 36 ? ? -97.42  -64.90  
11 1 HIS A 52 ? ? -175.40 -22.39  
# 
_pdbx_nmr_ensemble.entry_id                             1PRB 
_pdbx_nmr_ensemble.conformers_calculated_total_number   200 
_pdbx_nmr_ensemble.conformers_submitted_total_number    1 
_pdbx_nmr_ensemble.conformer_selection_criteria         
'THE AVERAGE STRUCTURE PRESENTED IN THIS ENTRY IS BASED ON 20 STRUCTURES SELECTED ON THE BASIS OF CONSTRAINT VIOLATIONS' 
# 
_pdbx_nmr_representative.conformer_id         1 
_pdbx_nmr_representative.entry_id             1PRB 
_pdbx_nmr_representative.selection_criteria   'closest to the average' 
# 
_pdbx_nmr_exptl_sample_conditions.conditions_id          1 
_pdbx_nmr_exptl_sample_conditions.temperature            300 
_pdbx_nmr_exptl_sample_conditions.pressure               ? 
_pdbx_nmr_exptl_sample_conditions.pH                     6.0 
_pdbx_nmr_exptl_sample_conditions.ionic_strength         ? 
_pdbx_nmr_exptl_sample_conditions.pressure_units         . 
_pdbx_nmr_exptl_sample_conditions.temperature_units      K 
_pdbx_nmr_exptl_sample_conditions.label                  ? 
_pdbx_nmr_exptl_sample_conditions.pH_units               ? 
_pdbx_nmr_exptl_sample_conditions.ionic_strength_units   ? 
# 
loop_
_pdbx_nmr_exptl.experiment_id 
_pdbx_nmr_exptl.conditions_id 
_pdbx_nmr_exptl.type 
_pdbx_nmr_exptl.solution_id 
1 1 COSY   1 
2 1 R-COSY 1 
3 1 TOCSY  1 
4 1 2Q     1 
5 1 NOESY  1 
# 
_pdbx_nmr_refine.entry_id           1PRB 
_pdbx_nmr_refine.method             
;DETAILS OF THE STRUCTURE DETERMINATION AND ALL STRUCTURAL STATISTICS ARE GIVEN IN THE PAPER CITED ON THE JRNL RECORDS ABOVE. THE STRUCTURES ARE BASED ON 649 INTERPROTON DISTANCE CONSTRAINTS AND 26 DIHEDRAL CONSTRAINTS. NO HYDROGEN BOND CONSTRAINTS WERE USED.
;
_pdbx_nmr_refine.details            ? 
_pdbx_nmr_refine.software_ordinal   1 
# 
loop_
_pdbx_nmr_software.classification 
_pdbx_nmr_software.name 
_pdbx_nmr_software.version 
_pdbx_nmr_software.authors 
_pdbx_nmr_software.ordinal 
refinement              X-PLOR 3.1 BRUNGER 1 
'structure calculation' X-PLOR 3.1 BRUNGER 2 
# 
loop_
_chem_comp_atom.comp_id 
_chem_comp_atom.atom_id 
_chem_comp_atom.type_symbol 
_chem_comp_atom.pdbx_aromatic_flag 
_chem_comp_atom.pdbx_stereo_config 
_chem_comp_atom.pdbx_ordinal 
ALA N    N N N 1   
ALA CA   C N S 2   
ALA C    C N N 3   
ALA O    O N N 4   
ALA CB   C N N 5   
ALA OXT  O N N 6   
ALA H    H N N 7   
ALA H2   H N N 8   
ALA HA   H N N 9   
ALA HB1  H N N 10  
ALA HB2  H N N 11  
ALA HB3  H N N 12  
ALA HXT  H N N 13  
ASN N    N N N 14  
ASN CA   C N S 15  
ASN C    C N N 16  
ASN O    O N N 17  
ASN CB   C N N 18  
ASN CG   C N N 19  
ASN OD1  O N N 20  
ASN ND2  N N N 21  
ASN OXT  O N N 22  
ASN H    H N N 23  
ASN H2   H N N 24  
ASN HA   H N N 25  
ASN HB2  H N N 26  
ASN HB3  H N N 27  
ASN HD21 H N N 28  
ASN HD22 H N N 29  
ASN HXT  H N N 30  
ASP N    N N N 31  
ASP CA   C N S 32  
ASP C    C N N 33  
ASP O    O N N 34  
ASP CB   C N N 35  
ASP CG   C N N 36  
ASP OD1  O N N 37  
ASP OD2  O N N 38  
ASP OXT  O N N 39  
ASP H    H N N 40  
ASP H2   H N N 41  
ASP HA   H N N 42  
ASP HB2  H N N 43  
ASP HB3  H N N 44  
ASP HD2  H N N 45  
ASP HXT  H N N 46  
GLN N    N N N 47  
GLN CA   C N S 48  
GLN C    C N N 49  
GLN O    O N N 50  
GLN CB   C N N 51  
GLN CG   C N N 52  
GLN CD   C N N 53  
GLN OE1  O N N 54  
GLN NE2  N N N 55  
GLN OXT  O N N 56  
GLN H    H N N 57  
GLN H2   H N N 58  
GLN HA   H N N 59  
GLN HB2  H N N 60  
GLN HB3  H N N 61  
GLN HG2  H N N 62  
GLN HG3  H N N 63  
GLN HE21 H N N 64  
GLN HE22 H N N 65  
GLN HXT  H N N 66  
GLU N    N N N 67  
GLU CA   C N S 68  
GLU C    C N N 69  
GLU O    O N N 70  
GLU CB   C N N 71  
GLU CG   C N N 72  
GLU CD   C N N 73  
GLU OE1  O N N 74  
GLU OE2  O N N 75  
GLU OXT  O N N 76  
GLU H    H N N 77  
GLU H2   H N N 78  
GLU HA   H N N 79  
GLU HB2  H N N 80  
GLU HB3  H N N 81  
GLU HG2  H N N 82  
GLU HG3  H N N 83  
GLU HE2  H N N 84  
GLU HXT  H N N 85  
GLY N    N N N 86  
GLY CA   C N N 87  
GLY C    C N N 88  
GLY O    O N N 89  
GLY OXT  O N N 90  
GLY H    H N N 91  
GLY H2   H N N 92  
GLY HA2  H N N 93  
GLY HA3  H N N 94  
GLY HXT  H N N 95  
HIS N    N N N 96  
HIS CA   C N S 97  
HIS C    C N N 98  
HIS O    O N N 99  
HIS CB   C N N 100 
HIS CG   C Y N 101 
HIS ND1  N Y N 102 
HIS CD2  C Y N 103 
HIS CE1  C Y N 104 
HIS NE2  N Y N 105 
HIS OXT  O N N 106 
HIS H    H N N 107 
HIS H2   H N N 108 
HIS HA   H N N 109 
HIS HB2  H N N 110 
HIS HB3  H N N 111 
HIS HD1  H N N 112 
HIS HD2  H N N 113 
HIS HE1  H N N 114 
HIS HE2  H N N 115 
HIS HXT  H N N 116 
ILE N    N N N 117 
ILE CA   C N S 118 
ILE C    C N N 119 
ILE O    O N N 120 
ILE CB   C N S 121 
ILE CG1  C N N 122 
ILE CG2  C N N 123 
ILE CD1  C N N 124 
ILE OXT  O N N 125 
ILE H    H N N 126 
ILE H2   H N N 127 
ILE HA   H N N 128 
ILE HB   H N N 129 
ILE HG12 H N N 130 
ILE HG13 H N N 131 
ILE HG21 H N N 132 
ILE HG22 H N N 133 
ILE HG23 H N N 134 
ILE HD11 H N N 135 
ILE HD12 H N N 136 
ILE HD13 H N N 137 
ILE HXT  H N N 138 
LEU N    N N N 139 
LEU CA   C N S 140 
LEU C    C N N 141 
LEU O    O N N 142 
LEU CB   C N N 143 
LEU CG   C N N 144 
LEU CD1  C N N 145 
LEU CD2  C N N 146 
LEU OXT  O N N 147 
LEU H    H N N 148 
LEU H2   H N N 149 
LEU HA   H N N 150 
LEU HB2  H N N 151 
LEU HB3  H N N 152 
LEU HG   H N N 153 
LEU HD11 H N N 154 
LEU HD12 H N N 155 
LEU HD13 H N N 156 
LEU HD21 H N N 157 
LEU HD22 H N N 158 
LEU HD23 H N N 159 
LEU HXT  H N N 160 
LYS N    N N N 161 
LYS CA   C N S 162 
LYS C    C N N 163 
LYS O    O N N 164 
LYS CB   C N N 165 
LYS CG   C N N 166 
LYS CD   C N N 167 
LYS CE   C N N 168 
LYS NZ   N N N 169 
LYS OXT  O N N 170 
LYS H    H N N 171 
LYS H2   H N N 172 
LYS HA   H N N 173 
LYS HB2  H N N 174 
LYS HB3  H N N 175 
LYS HG2  H N N 176 
LYS HG3  H N N 177 
LYS HD2  H N N 178 
LYS HD3  H N N 179 
LYS HE2  H N N 180 
LYS HE3  H N N 181 
LYS HZ1  H N N 182 
LYS HZ2  H N N 183 
LYS HZ3  H N N 184 
LYS HXT  H N N 185 
PHE N    N N N 186 
PHE CA   C N S 187 
PHE C    C N N 188 
PHE O    O N N 189 
PHE CB   C N N 190 
PHE CG   C Y N 191 
PHE CD1  C Y N 192 
PHE CD2  C Y N 193 
PHE CE1  C Y N 194 
PHE CE2  C Y N 195 
PHE CZ   C Y N 196 
PHE OXT  O N N 197 
PHE H    H N N 198 
PHE H2   H N N 199 
PHE HA   H N N 200 
PHE HB2  H N N 201 
PHE HB3  H N N 202 
PHE HD1  H N N 203 
PHE HD2  H N N 204 
PHE HE1  H N N 205 
PHE HE2  H N N 206 
PHE HZ   H N N 207 
PHE HXT  H N N 208 
SER N    N N N 209 
SER CA   C N S 210 
SER C    C N N 211 
SER O    O N N 212 
SER CB   C N N 213 
SER OG   O N N 214 
SER OXT  O N N 215 
SER H    H N N 216 
SER H2   H N N 217 
SER HA   H N N 218 
SER HB2  H N N 219 
SER HB3  H N N 220 
SER HG   H N N 221 
SER HXT  H N N 222 
THR N    N N N 223 
THR CA   C N S 224 
THR C    C N N 225 
THR O    O N N 226 
THR CB   C N R 227 
THR OG1  O N N 228 
THR CG2  C N N 229 
THR OXT  O N N 230 
THR H    H N N 231 
THR H2   H N N 232 
THR HA   H N N 233 
THR HB   H N N 234 
THR HG1  H N N 235 
THR HG21 H N N 236 
THR HG22 H N N 237 
THR HG23 H N N 238 
THR HXT  H N N 239 
TRP N    N N N 240 
TRP CA   C N S 241 
TRP C    C N N 242 
TRP O    O N N 243 
TRP CB   C N N 244 
TRP CG   C Y N 245 
TRP CD1  C Y N 246 
TRP CD2  C Y N 247 
TRP NE1  N Y N 248 
TRP CE2  C Y N 249 
TRP CE3  C Y N 250 
TRP CZ2  C Y N 251 
TRP CZ3  C Y N 252 
TRP CH2  C Y N 253 
TRP OXT  O N N 254 
TRP H    H N N 255 
TRP H2   H N N 256 
TRP HA   H N N 257 
TRP HB2  H N N 258 
TRP HB3  H N N 259 
TRP HD1  H N N 260 
TRP HE1  H N N 261 
TRP HE3  H N N 262 
TRP HZ2  H N N 263 
TRP HZ3  H N N 264 
TRP HH2  H N N 265 
TRP HXT  H N N 266 
TYR N    N N N 267 
TYR CA   C N S 268 
TYR C    C N N 269 
TYR O    O N N 270 
TYR CB   C N N 271 
TYR CG   C Y N 272 
TYR CD1  C Y N 273 
TYR CD2  C Y N 274 
TYR CE1  C Y N 275 
TYR CE2  C Y N 276 
TYR CZ   C Y N 277 
TYR OH   O N N 278 
TYR OXT  O N N 279 
TYR H    H N N 280 
TYR H2   H N N 281 
TYR HA   H N N 282 
TYR HB2  H N N 283 
TYR HB3  H N N 284 
TYR HD1  H N N 285 
TYR HD2  H N N 286 
TYR HE1  H N N 287 
TYR HE2  H N N 288 
TYR HH   H N N 289 
TYR HXT  H N N 290 
VAL N    N N N 291 
VAL CA   C N S 292 
VAL C    C N N 293 
VAL O    O N N 294 
VAL CB   C N N 295 
VAL CG1  C N N 296 
VAL CG2  C N N 297 
VAL OXT  O N N 298 
VAL H    H N N 299 
VAL H2   H N N 300 
VAL HA   H N N 301 
VAL HB   H N N 302 
VAL HG11 H N N 303 
VAL HG12 H N N 304 
VAL HG13 H N N 305 
VAL HG21 H N N 306 
VAL HG22 H N N 307 
VAL HG23 H N N 308 
VAL HXT  H N N 309 
# 
loop_
_chem_comp_bond.comp_id 
_chem_comp_bond.atom_id_1 
_chem_comp_bond.atom_id_2 
_chem_comp_bond.value_order 
_chem_comp_bond.pdbx_aromatic_flag 
_chem_comp_bond.pdbx_stereo_config 
_chem_comp_bond.pdbx_ordinal 
ALA N   CA   sing N N 1   
ALA N   H    sing N N 2   
ALA N   H2   sing N N 3   
ALA CA  C    sing N N 4   
ALA CA  CB   sing N N 5   
ALA CA  HA   sing N N 6   
ALA C   O    doub N N 7   
ALA C   OXT  sing N N 8   
ALA CB  HB1  sing N N 9   
ALA CB  HB2  sing N N 10  
ALA CB  HB3  sing N N 11  
ALA OXT HXT  sing N N 12  
ASN N   CA   sing N N 13  
ASN N   H    sing N N 14  
ASN N   H2   sing N N 15  
ASN CA  C    sing N N 16  
ASN CA  CB   sing N N 17  
ASN CA  HA   sing N N 18  
ASN C   O    doub N N 19  
ASN C   OXT  sing N N 20  
ASN CB  CG   sing N N 21  
ASN CB  HB2  sing N N 22  
ASN CB  HB3  sing N N 23  
ASN CG  OD1  doub N N 24  
ASN CG  ND2  sing N N 25  
ASN ND2 HD21 sing N N 26  
ASN ND2 HD22 sing N N 27  
ASN OXT HXT  sing N N 28  
ASP N   CA   sing N N 29  
ASP N   H    sing N N 30  
ASP N   H2   sing N N 31  
ASP CA  C    sing N N 32  
ASP CA  CB   sing N N 33  
ASP CA  HA   sing N N 34  
ASP C   O    doub N N 35  
ASP C   OXT  sing N N 36  
ASP CB  CG   sing N N 37  
ASP CB  HB2  sing N N 38  
ASP CB  HB3  sing N N 39  
ASP CG  OD1  doub N N 40  
ASP CG  OD2  sing N N 41  
ASP OD2 HD2  sing N N 42  
ASP OXT HXT  sing N N 43  
GLN N   CA   sing N N 44  
GLN N   H    sing N N 45  
GLN N   H2   sing N N 46  
GLN CA  C    sing N N 47  
GLN CA  CB   sing N N 48  
GLN CA  HA   sing N N 49  
GLN C   O    doub N N 50  
GLN C   OXT  sing N N 51  
GLN CB  CG   sing N N 52  
GLN CB  HB2  sing N N 53  
GLN CB  HB3  sing N N 54  
GLN CG  CD   sing N N 55  
GLN CG  HG2  sing N N 56  
GLN CG  HG3  sing N N 57  
GLN CD  OE1  doub N N 58  
GLN CD  NE2  sing N N 59  
GLN NE2 HE21 sing N N 60  
GLN NE2 HE22 sing N N 61  
GLN OXT HXT  sing N N 62  
GLU N   CA   sing N N 63  
GLU N   H    sing N N 64  
GLU N   H2   sing N N 65  
GLU CA  C    sing N N 66  
GLU CA  CB   sing N N 67  
GLU CA  HA   sing N N 68  
GLU C   O    doub N N 69  
GLU C   OXT  sing N N 70  
GLU CB  CG   sing N N 71  
GLU CB  HB2  sing N N 72  
GLU CB  HB3  sing N N 73  
GLU CG  CD   sing N N 74  
GLU CG  HG2  sing N N 75  
GLU CG  HG3  sing N N 76  
GLU CD  OE1  doub N N 77  
GLU CD  OE2  sing N N 78  
GLU OE2 HE2  sing N N 79  
GLU OXT HXT  sing N N 80  
GLY N   CA   sing N N 81  
GLY N   H    sing N N 82  
GLY N   H2   sing N N 83  
GLY CA  C    sing N N 84  
GLY CA  HA2  sing N N 85  
GLY CA  HA3  sing N N 86  
GLY C   O    doub N N 87  
GLY C   OXT  sing N N 88  
GLY OXT HXT  sing N N 89  
HIS N   CA   sing N N 90  
HIS N   H    sing N N 91  
HIS N   H2   sing N N 92  
HIS CA  C    sing N N 93  
HIS CA  CB   sing N N 94  
HIS CA  HA   sing N N 95  
HIS C   O    doub N N 96  
HIS C   OXT  sing N N 97  
HIS CB  CG   sing N N 98  
HIS CB  HB2  sing N N 99  
HIS CB  HB3  sing N N 100 
HIS CG  ND1  sing Y N 101 
HIS CG  CD2  doub Y N 102 
HIS ND1 CE1  doub Y N 103 
HIS ND1 HD1  sing N N 104 
HIS CD2 NE2  sing Y N 105 
HIS CD2 HD2  sing N N 106 
HIS CE1 NE2  sing Y N 107 
HIS CE1 HE1  sing N N 108 
HIS NE2 HE2  sing N N 109 
HIS OXT HXT  sing N N 110 
ILE N   CA   sing N N 111 
ILE N   H    sing N N 112 
ILE N   H2   sing N N 113 
ILE CA  C    sing N N 114 
ILE CA  CB   sing N N 115 
ILE CA  HA   sing N N 116 
ILE C   O    doub N N 117 
ILE C   OXT  sing N N 118 
ILE CB  CG1  sing N N 119 
ILE CB  CG2  sing N N 120 
ILE CB  HB   sing N N 121 
ILE CG1 CD1  sing N N 122 
ILE CG1 HG12 sing N N 123 
ILE CG1 HG13 sing N N 124 
ILE CG2 HG21 sing N N 125 
ILE CG2 HG22 sing N N 126 
ILE CG2 HG23 sing N N 127 
ILE CD1 HD11 sing N N 128 
ILE CD1 HD12 sing N N 129 
ILE CD1 HD13 sing N N 130 
ILE OXT HXT  sing N N 131 
LEU N   CA   sing N N 132 
LEU N   H    sing N N 133 
LEU N   H2   sing N N 134 
LEU CA  C    sing N N 135 
LEU CA  CB   sing N N 136 
LEU CA  HA   sing N N 137 
LEU C   O    doub N N 138 
LEU C   OXT  sing N N 139 
LEU CB  CG   sing N N 140 
LEU CB  HB2  sing N N 141 
LEU CB  HB3  sing N N 142 
LEU CG  CD1  sing N N 143 
LEU CG  CD2  sing N N 144 
LEU CG  HG   sing N N 145 
LEU CD1 HD11 sing N N 146 
LEU CD1 HD12 sing N N 147 
LEU CD1 HD13 sing N N 148 
LEU CD2 HD21 sing N N 149 
LEU CD2 HD22 sing N N 150 
LEU CD2 HD23 sing N N 151 
LEU OXT HXT  sing N N 152 
LYS N   CA   sing N N 153 
LYS N   H    sing N N 154 
LYS N   H2   sing N N 155 
LYS CA  C    sing N N 156 
LYS CA  CB   sing N N 157 
LYS CA  HA   sing N N 158 
LYS C   O    doub N N 159 
LYS C   OXT  sing N N 160 
LYS CB  CG   sing N N 161 
LYS CB  HB2  sing N N 162 
LYS CB  HB3  sing N N 163 
LYS CG  CD   sing N N 164 
LYS CG  HG2  sing N N 165 
LYS CG  HG3  sing N N 166 
LYS CD  CE   sing N N 167 
LYS CD  HD2  sing N N 168 
LYS CD  HD3  sing N N 169 
LYS CE  NZ   sing N N 170 
LYS CE  HE2  sing N N 171 
LYS CE  HE3  sing N N 172 
LYS NZ  HZ1  sing N N 173 
LYS NZ  HZ2  sing N N 174 
LYS NZ  HZ3  sing N N 175 
LYS OXT HXT  sing N N 176 
PHE N   CA   sing N N 177 
PHE N   H    sing N N 178 
PHE N   H2   sing N N 179 
PHE CA  C    sing N N 180 
PHE CA  CB   sing N N 181 
PHE CA  HA   sing N N 182 
PHE C   O    doub N N 183 
PHE C   OXT  sing N N 184 
PHE CB  CG   sing N N 185 
PHE CB  HB2  sing N N 186 
PHE CB  HB3  sing N N 187 
PHE CG  CD1  doub Y N 188 
PHE CG  CD2  sing Y N 189 
PHE CD1 CE1  sing Y N 190 
PHE CD1 HD1  sing N N 191 
PHE CD2 CE2  doub Y N 192 
PHE CD2 HD2  sing N N 193 
PHE CE1 CZ   doub Y N 194 
PHE CE1 HE1  sing N N 195 
PHE CE2 CZ   sing Y N 196 
PHE CE2 HE2  sing N N 197 
PHE CZ  HZ   sing N N 198 
PHE OXT HXT  sing N N 199 
SER N   CA   sing N N 200 
SER N   H    sing N N 201 
SER N   H2   sing N N 202 
SER CA  C    sing N N 203 
SER CA  CB   sing N N 204 
SER CA  HA   sing N N 205 
SER C   O    doub N N 206 
SER C   OXT  sing N N 207 
SER CB  OG   sing N N 208 
SER CB  HB2  sing N N 209 
SER CB  HB3  sing N N 210 
SER OG  HG   sing N N 211 
SER OXT HXT  sing N N 212 
THR N   CA   sing N N 213 
THR N   H    sing N N 214 
THR N   H2   sing N N 215 
THR CA  C    sing N N 216 
THR CA  CB   sing N N 217 
THR CA  HA   sing N N 218 
THR C   O    doub N N 219 
THR C   OXT  sing N N 220 
THR CB  OG1  sing N N 221 
THR CB  CG2  sing N N 222 
THR CB  HB   sing N N 223 
THR OG1 HG1  sing N N 224 
THR CG2 HG21 sing N N 225 
THR CG2 HG22 sing N N 226 
THR CG2 HG23 sing N N 227 
THR OXT HXT  sing N N 228 
TRP N   CA   sing N N 229 
TRP N   H    sing N N 230 
TRP N   H2   sing N N 231 
TRP CA  C    sing N N 232 
TRP CA  CB   sing N N 233 
TRP CA  HA   sing N N 234 
TRP C   O    doub N N 235 
TRP C   OXT  sing N N 236 
TRP CB  CG   sing N N 237 
TRP CB  HB2  sing N N 238 
TRP CB  HB3  sing N N 239 
TRP CG  CD1  doub Y N 240 
TRP CG  CD2  sing Y N 241 
TRP CD1 NE1  sing Y N 242 
TRP CD1 HD1  sing N N 243 
TRP CD2 CE2  doub Y N 244 
TRP CD2 CE3  sing Y N 245 
TRP NE1 CE2  sing Y N 246 
TRP NE1 HE1  sing N N 247 
TRP CE2 CZ2  sing Y N 248 
TRP CE3 CZ3  doub Y N 249 
TRP CE3 HE3  sing N N 250 
TRP CZ2 CH2  doub Y N 251 
TRP CZ2 HZ2  sing N N 252 
TRP CZ3 CH2  sing Y N 253 
TRP CZ3 HZ3  sing N N 254 
TRP CH2 HH2  sing N N 255 
TRP OXT HXT  sing N N 256 
TYR N   CA   sing N N 257 
TYR N   H    sing N N 258 
TYR N   H2   sing N N 259 
TYR CA  C    sing N N 260 
TYR CA  CB   sing N N 261 
TYR CA  HA   sing N N 262 
TYR C   O    doub N N 263 
TYR C   OXT  sing N N 264 
TYR CB  CG   sing N N 265 
TYR CB  HB2  sing N N 266 
TYR CB  HB3  sing N N 267 
TYR CG  CD1  doub Y N 268 
TYR CG  CD2  sing Y N 269 
TYR CD1 CE1  sing Y N 270 
TYR CD1 HD1  sing N N 271 
TYR CD2 CE2  doub Y N 272 
TYR CD2 HD2  sing N N 273 
TYR CE1 CZ   doub Y N 274 
TYR CE1 HE1  sing N N 275 
TYR CE2 CZ   sing Y N 276 
TYR CE2 HE2  sing N N 277 
TYR CZ  OH   sing N N 278 
TYR OH  HH   sing N N 279 
TYR OXT HXT  sing N N 280 
VAL N   CA   sing N N 281 
VAL N   H    sing N N 282 
VAL N   H2   sing N N 283 
VAL CA  C    sing N N 284 
VAL CA  CB   sing N N 285 
VAL CA  HA   sing N N 286 
VAL C   O    doub N N 287 
VAL C   OXT  sing N N 288 
VAL CB  CG1  sing N N 289 
VAL CB  CG2  sing N N 290 
VAL CB  HB   sing N N 291 
VAL CG1 HG11 sing N N 292 
VAL CG1 HG12 sing N N 293 
VAL CG1 HG13 sing N N 294 
VAL CG2 HG21 sing N N 295 
VAL CG2 HG22 sing N N 296 
VAL CG2 HG23 sing N N 297 
VAL OXT HXT  sing N N 298 
# 
loop_
_pdbx_nmr_spectrometer.spectrometer_id 
_pdbx_nmr_spectrometer.model 
_pdbx_nmr_spectrometer.manufacturer 
_pdbx_nmr_spectrometer.field_strength 
_pdbx_nmr_spectrometer.type 
1 OMEGA GE     500 ? 
2 UNITY Varian 500 ? 
# 
_atom_sites.entry_id                    1PRB 
_atom_sites.fract_transf_matrix[1][1]   1.000000 
_atom_sites.fract_transf_matrix[1][2]   0.000000 
_atom_sites.fract_transf_matrix[1][3]   0.000000 
_atom_sites.fract_transf_matrix[2][1]   0.000000 
_atom_sites.fract_transf_matrix[2][2]   1.000000 
_atom_sites.fract_transf_matrix[2][3]   0.000000 
_atom_sites.fract_transf_matrix[3][1]   0.000000 
_atom_sites.fract_transf_matrix[3][2]   0.000000 
_atom_sites.fract_transf_matrix[3][3]   1.000000 
_atom_sites.fract_transf_vector[1]      0.00000 
_atom_sites.fract_transf_vector[2]      0.00000 
_atom_sites.fract_transf_vector[3]      0.00000 
# 
loop_
_atom_type.symbol 
C 
H 
N 
O 
# 
loop_
_atom_site.group_PDB 
_atom_site.id 
_atom_site.type_symbol 
_atom_site.label_atom_id 
_atom_site.label_alt_id 
_atom_site.label_comp_id 
_atom_site.label_asym_id 
_atom_site.label_entity_id 
_atom_site.label_seq_id 
_atom_site.pdbx_PDB_ins_code 
_atom_site.Cartn_x 
_atom_site.Cartn_y 
_atom_site.Cartn_z 
_atom_site.occupancy 
_atom_site.B_iso_or_equiv 
_atom_site.pdbx_formal_charge 
_atom_site.auth_seq_id 
_atom_site.auth_comp_id 
_atom_site.auth_asym_id 
_atom_site.auth_atom_id 
_atom_site.pdbx_PDB_model_num 
ATOM 1   N N    . THR A 1 1  ? 9.200   18.687  -12.484 1.00 6.88 ? 1  THR A N    1 
ATOM 2   C CA   . THR A 1 1  ? 8.285   17.603  -12.946 1.00 6.49 ? 1  THR A CA   1 
ATOM 3   C C    . THR A 1 1  ? 7.844   16.752  -11.752 1.00 5.61 ? 1  THR A C    1 
ATOM 4   O O    . THR A 1 1  ? 7.266   17.243  -10.803 1.00 5.71 ? 1  THR A O    1 
ATOM 5   C CB   . THR A 1 1  ? 9.018   16.705  -13.941 1.00 6.97 ? 1  THR A CB   1 
ATOM 6   O OG1  . THR A 1 1  ? 8.068   16.036  -14.759 1.00 7.22 ? 1  THR A OG1  1 
ATOM 7   C CG2  . THR A 1 1  ? 9.848   15.675  -13.171 1.00 7.72 ? 1  THR A CG2  1 
ATOM 8   H H1   . THR A 1 1  ? 8.912   19.004  -11.537 1.00 7.11 ? 1  THR A H1   1 
ATOM 9   H H2   . THR A 1 1  ? 10.175  18.326  -12.447 1.00 6.90 ? 1  THR A H2   1 
ATOM 10  H H3   . THR A 1 1  ? 9.152   19.488  -13.146 1.00 7.21 ? 1  THR A H3   1 
ATOM 11  H HA   . THR A 1 1  ? 7.418   18.038  -13.423 1.00 6.77 ? 1  THR A HA   1 
ATOM 12  H HB   . THR A 1 1  ? 9.671   17.303  -14.557 1.00 6.95 ? 1  THR A HB   1 
ATOM 13  H HG1  . THR A 1 1  ? 7.714   15.299  -14.257 1.00 7.43 ? 1  THR A HG1  1 
ATOM 14  H HG21 . THR A 1 1  ? 9.871   15.944  -12.124 1.00 7.98 ? 1  THR A HG21 1 
ATOM 15  H HG22 . THR A 1 1  ? 9.402   14.698  -13.283 1.00 8.02 ? 1  THR A HG22 1 
ATOM 16  H HG23 . THR A 1 1  ? 10.856  15.658  -13.560 1.00 7.95 ? 1  THR A HG23 1 
ATOM 17  N N    . ILE A 1 2  ? 8.118   15.474  -11.801 1.00 5.01 ? 2  ILE A N    1 
ATOM 18  C CA   . ILE A 1 2  ? 7.727   14.575  -10.678 1.00 4.27 ? 2  ILE A CA   1 
ATOM 19  C C    . ILE A 1 2  ? 6.247   14.221  -10.796 1.00 3.64 ? 2  ILE A C    1 
ATOM 20  O O    . ILE A 1 2  ? 5.733   13.406  -10.054 1.00 3.19 ? 2  ILE A O    1 
ATOM 21  C CB   . ILE A 1 2  ? 7.983   15.278  -9.345  1.00 4.54 ? 2  ILE A CB   1 
ATOM 22  C CG1  . ILE A 1 2  ? 7.808   14.277  -8.201  1.00 4.69 ? 2  ILE A CG1  1 
ATOM 23  C CG2  . ILE A 1 2  ? 6.990   16.431  -9.173  1.00 4.91 ? 2  ILE A CG2  1 
ATOM 24  C CD1  . ILE A 1 2  ? 6.332   13.908  -8.065  1.00 4.97 ? 2  ILE A CD1  1 
ATOM 25  H H    . ILE A 1 2  ? 8.586   15.105  -12.580 1.00 5.26 ? 2  ILE A H    1 
ATOM 26  H HA   . ILE A 1 2  ? 8.311   13.668  -10.724 1.00 4.37 ? 2  ILE A HA   1 
ATOM 27  H HB   . ILE A 1 2  ? 8.990   15.667  -9.334  1.00 4.94 ? 2  ILE A HB   1 
ATOM 28  H HG12 . ILE A 1 2  ? 8.384   13.387  -8.412  1.00 5.01 ? 2  ILE A HG12 1 
ATOM 29  H HG13 . ILE A 1 2  ? 8.154   14.719  -7.279  1.00 4.83 ? 2  ILE A HG13 1 
ATOM 30  H HG21 . ILE A 1 2  ? 6.266   16.404  -9.973  1.00 5.21 ? 2  ILE A HG21 1 
ATOM 31  H HG22 . ILE A 1 2  ? 6.483   16.332  -8.226  1.00 5.13 ? 2  ILE A HG22 1 
ATOM 32  H HG23 . ILE A 1 2  ? 7.521   17.370  -9.201  1.00 5.12 ? 2  ILE A HG23 1 
ATOM 33  H HD11 . ILE A 1 2  ? 5.723   14.742  -8.381  1.00 5.25 ? 2  ILE A HD11 1 
ATOM 34  H HD12 . ILE A 1 2  ? 6.117   13.050  -8.685  1.00 5.20 ? 2  ILE A HD12 1 
ATOM 35  H HD13 . ILE A 1 2  ? 6.113   13.672  -7.034  1.00 5.13 ? 2  ILE A HD13 1 
ATOM 36  N N    . ASP A 1 3  ? 5.558   14.813  -11.728 1.00 3.92 ? 3  ASP A N    1 
ATOM 37  C CA   . ASP A 1 3  ? 4.115   14.492  -11.890 1.00 3.82 ? 3  ASP A CA   1 
ATOM 38  C C    . ASP A 1 3  ? 3.896   13.018  -11.559 1.00 3.34 ? 3  ASP A C    1 
ATOM 39  O O    . ASP A 1 3  ? 2.896   12.647  -10.977 1.00 3.48 ? 3  ASP A O    1 
ATOM 40  C CB   . ASP A 1 3  ? 3.687   14.762  -13.331 1.00 4.79 ? 3  ASP A CB   1 
ATOM 41  C CG   . ASP A 1 3  ? 2.429   15.628  -13.331 1.00 5.55 ? 3  ASP A CG   1 
ATOM 42  O OD1  . ASP A 1 3  ? 1.350   15.069  -13.221 1.00 6.02 ? 3  ASP A OD1  1 
ATOM 43  O OD2  . ASP A 1 3  ? 2.564   16.835  -13.440 1.00 6.00 ? 3  ASP A OD2  1 
ATOM 44  H H    . ASP A 1 3  ? 5.989   15.460  -12.323 1.00 4.44 ? 3  ASP A H    1 
ATOM 45  H HA   . ASP A 1 3  ? 3.531   15.103  -11.217 1.00 3.79 ? 3  ASP A HA   1 
ATOM 46  H HB2  . ASP A 1 3  ? 4.482   15.277  -13.852 1.00 5.00 ? 3  ASP A HB2  1 
ATOM 47  H HB3  . ASP A 1 3  ? 3.479   13.825  -13.826 1.00 5.10 ? 3  ASP A HB3  1 
ATOM 48  N N    . GLN A 1 4  ? 4.827   12.171  -11.911 1.00 3.24 ? 4  GLN A N    1 
ATOM 49  C CA   . GLN A 1 4  ? 4.662   10.727  -11.589 1.00 3.45 ? 4  GLN A CA   1 
ATOM 50  C C    . GLN A 1 4  ? 4.128   10.618  -10.165 1.00 2.91 ? 4  GLN A C    1 
ATOM 51  O O    . GLN A 1 4  ? 3.584   9.609   -9.762  1.00 3.54 ? 4  GLN A O    1 
ATOM 52  C CB   . GLN A 1 4  ? 6.017   10.020  -11.676 1.00 4.15 ? 4  GLN A CB   1 
ATOM 53  C CG   . GLN A 1 4  ? 6.577   10.156  -13.090 1.00 5.07 ? 4  GLN A CG   1 
ATOM 54  C CD   . GLN A 1 4  ? 7.547   11.336  -13.132 1.00 5.70 ? 4  GLN A CD   1 
ATOM 55  O OE1  . GLN A 1 4  ? 8.353   11.505  -12.238 1.00 6.03 ? 4  GLN A OE1  1 
ATOM 56  N NE2  . GLN A 1 4  ? 7.505   12.164  -14.137 1.00 6.25 ? 4  GLN A NE2  1 
ATOM 57  H H    . GLN A 1 4  ? 5.636   12.487  -12.370 1.00 3.38 ? 4  GLN A H    1 
ATOM 58  H HA   . GLN A 1 4  ? 3.966   10.274  -12.283 1.00 3.95 ? 4  GLN A HA   1 
ATOM 59  H HB2  . GLN A 1 4  ? 6.703   10.473  -10.973 1.00 4.36 ? 4  GLN A HB2  1 
ATOM 60  H HB3  . GLN A 1 4  ? 5.893   8.974   -11.437 1.00 4.19 ? 4  GLN A HB3  1 
ATOM 61  H HG2  . GLN A 1 4  ? 7.096   9.246   -13.362 1.00 5.37 ? 4  GLN A HG2  1 
ATOM 62  H HG3  . GLN A 1 4  ? 5.770   10.331  -13.786 1.00 5.34 ? 4  GLN A HG3  1 
ATOM 63  H HE21 . GLN A 1 4  ? 6.855   12.026  -14.858 1.00 6.27 ? 4  GLN A HE21 1 
ATOM 64  H HE22 . GLN A 1 4  ? 8.119   12.926  -14.172 1.00 6.82 ? 4  GLN A HE22 1 
ATOM 65  N N    . TRP A 1 5  ? 4.283   11.668  -9.404  1.00 2.16 ? 5  TRP A N    1 
ATOM 66  C CA   . TRP A 1 5  ? 3.795   11.669  -8.002  1.00 2.23 ? 5  TRP A CA   1 
ATOM 67  C C    . TRP A 1 5  ? 2.630   10.686  -7.859  1.00 1.78 ? 5  TRP A C    1 
ATOM 68  O O    . TRP A 1 5  ? 2.826   9.515   -7.605  1.00 2.52 ? 5  TRP A O    1 
ATOM 69  C CB   . TRP A 1 5  ? 3.327   13.084  -7.651  1.00 2.61 ? 5  TRP A CB   1 
ATOM 70  C CG   . TRP A 1 5  ? 3.423   13.301  -6.178  1.00 3.01 ? 5  TRP A CG   1 
ATOM 71  C CD1  . TRP A 1 5  ? 4.438   13.937  -5.552  1.00 3.80 ? 5  TRP A CD1  1 
ATOM 72  C CD2  . TRP A 1 5  ? 2.487   12.900  -5.141  1.00 3.23 ? 5  TRP A CD2  1 
ATOM 73  N NE1  . TRP A 1 5  ? 4.184   13.951  -4.192  1.00 4.50 ? 5  TRP A NE1  1 
ATOM 74  C CE2  . TRP A 1 5  ? 2.992   13.323  -3.889  1.00 4.28 ? 5  TRP A CE2  1 
ATOM 75  C CE3  . TRP A 1 5  ? 1.257   12.217  -5.165  1.00 2.96 ? 5  TRP A CE3  1 
ATOM 76  C CZ2  . TRP A 1 5  ? 2.303   13.075  -2.702  1.00 5.05 ? 5  TRP A CZ2  1 
ATOM 77  C CZ3  . TRP A 1 5  ? 0.560   11.965  -3.973  1.00 3.81 ? 5  TRP A CZ3  1 
ATOM 78  C CH2  . TRP A 1 5  ? 1.081   12.394  -2.744  1.00 4.84 ? 5  TRP A CH2  1 
ATOM 79  H H    . TRP A 1 5  ? 4.725   12.467  -9.763  1.00 2.03 ? 5  TRP A H    1 
ATOM 80  H HA   . TRP A 1 5  ? 4.597   11.380  -7.340  1.00 3.01 ? 5  TRP A HA   1 
ATOM 81  H HB2  . TRP A 1 5  ? 3.950   13.805  -8.161  1.00 2.97 ? 5  TRP A HB2  1 
ATOM 82  H HB3  . TRP A 1 5  ? 2.303   13.213  -7.966  1.00 3.08 ? 5  TRP A HB3  1 
ATOM 83  H HD1  . TRP A 1 5  ? 5.304   14.363  -6.037  1.00 4.05 ? 5  TRP A HD1  1 
ATOM 84  H HE1  . TRP A 1 5  ? 4.764   14.350  -3.511  1.00 5.22 ? 5  TRP A HE1  1 
ATOM 85  H HE3  . TRP A 1 5  ? 0.846   11.882  -6.107  1.00 2.37 ? 5  TRP A HE3  1 
ATOM 86  H HZ2  . TRP A 1 5  ? 2.708   13.407  -1.758  1.00 5.93 ? 5  TRP A HZ2  1 
ATOM 87  H HZ3  . TRP A 1 5  ? -0.383  11.440  -4.003  1.00 3.84 ? 5  TRP A HZ3  1 
ATOM 88  H HH2  . TRP A 1 5  ? 0.539   12.199  -1.829  1.00 5.59 ? 5  TRP A HH2  1 
ATOM 89  N N    . LEU A 1 6  ? 1.423   11.151  -8.028  1.00 1.29 ? 6  LEU A N    1 
ATOM 90  C CA   . LEU A 1 6  ? 0.249   10.241  -7.905  1.00 1.64 ? 6  LEU A CA   1 
ATOM 91  C C    . LEU A 1 6  ? 0.501   9.217   -6.795  1.00 1.64 ? 6  LEU A C    1 
ATOM 92  O O    . LEU A 1 6  ? -0.417  8.729   -6.167  1.00 2.22 ? 6  LEU A O    1 
ATOM 93  C CB   . LEU A 1 6  ? 0.042   9.515   -9.232  1.00 2.12 ? 6  LEU A CB   1 
ATOM 94  C CG   . LEU A 1 6  ? 0.375   10.464  -10.385 1.00 2.83 ? 6  LEU A CG   1 
ATOM 95  C CD1  . LEU A 1 6  ? -0.310  9.973   -11.662 1.00 3.43 ? 6  LEU A CD1  1 
ATOM 96  C CD2  . LEU A 1 6  ? -0.124  11.873  -10.050 1.00 3.69 ? 6  LEU A CD2  1 
ATOM 97  H H    . LEU A 1 6  ? 1.287   12.096  -8.240  1.00 1.51 ? 6  LEU A H    1 
ATOM 98  H HA   . LEU A 1 6  ? -0.633  10.819  -7.671  1.00 2.05 ? 6  LEU A HA   1 
ATOM 99  H HB2  . LEU A 1 6  ? 0.694   8.652   -9.273  1.00 2.22 ? 6  LEU A HB2  1 
ATOM 100 H HB3  . LEU A 1 6  ? -0.985  9.197   -9.313  1.00 2.57 ? 6  LEU A HB3  1 
ATOM 101 H HG   . LEU A 1 6  ? 1.445   10.485  -10.538 1.00 3.08 ? 6  LEU A HG   1 
ATOM 102 H HD11 . LEU A 1 6  ? -0.774  9.016   -11.476 1.00 3.82 ? 6  LEU A HD11 1 
ATOM 103 H HD12 . LEU A 1 6  ? -1.064  10.686  -11.961 1.00 3.71 ? 6  LEU A HD12 1 
ATOM 104 H HD13 . LEU A 1 6  ? 0.423   9.872   -12.448 1.00 3.79 ? 6  LEU A HD13 1 
ATOM 105 H HD21 . LEU A 1 6  ? -0.819  11.823  -9.224  1.00 4.04 ? 6  LEU A HD21 1 
ATOM 106 H HD22 . LEU A 1 6  ? 0.716   12.497  -9.775  1.00 4.09 ? 6  LEU A HD22 1 
ATOM 107 H HD23 . LEU A 1 6  ? -0.619  12.295  -10.912 1.00 4.06 ? 6  LEU A HD23 1 
ATOM 108 N N    . LEU A 1 7  ? 1.739   8.887   -6.552  1.00 1.36 ? 7  LEU A N    1 
ATOM 109 C CA   . LEU A 1 7  ? 2.054   7.894   -5.488  1.00 1.50 ? 7  LEU A CA   1 
ATOM 110 C C    . LEU A 1 7  ? 1.911   6.480   -6.051  1.00 1.56 ? 7  LEU A C    1 
ATOM 111 O O    . LEU A 1 7  ? 2.030   5.503   -5.338  1.00 2.24 ? 7  LEU A O    1 
ATOM 112 C CB   . LEU A 1 7  ? 1.087   8.073   -4.317  1.00 1.64 ? 7  LEU A CB   1 
ATOM 113 C CG   . LEU A 1 7  ? 1.043   6.784   -3.496  1.00 1.82 ? 7  LEU A CG   1 
ATOM 114 C CD1  . LEU A 1 7  ? 1.796   6.989   -2.181  1.00 2.04 ? 7  LEU A CD1  1 
ATOM 115 C CD2  . LEU A 1 7  ? -0.412  6.418   -3.198  1.00 2.24 ? 7  LEU A CD2  1 
ATOM 116 H H    . LEU A 1 7  ? 2.463   9.290   -7.072  1.00 1.42 ? 7  LEU A H    1 
ATOM 117 H HA   . LEU A 1 7  ? 3.067   8.045   -5.143  1.00 1.62 ? 7  LEU A HA   1 
ATOM 118 H HB2  . LEU A 1 7  ? 1.424   8.887   -3.692  1.00 1.73 ? 7  LEU A HB2  1 
ATOM 119 H HB3  . LEU A 1 7  ? 0.099   8.291   -4.693  1.00 1.75 ? 7  LEU A HB3  1 
ATOM 120 H HG   . LEU A 1 7  ? 1.509   5.984   -4.055  1.00 2.28 ? 7  LEU A HG   1 
ATOM 121 H HD11 . LEU A 1 7  ? 1.531   7.948   -1.762  1.00 2.46 ? 7  LEU A HD11 1 
ATOM 122 H HD12 . LEU A 1 7  ? 1.528   6.206   -1.487  1.00 2.30 ? 7  LEU A HD12 1 
ATOM 123 H HD13 . LEU A 1 7  ? 2.860   6.957   -2.367  1.00 2.44 ? 7  LEU A HD13 1 
ATOM 124 H HD21 . LEU A 1 7  ? -0.908  7.262   -2.743  1.00 2.59 ? 7  LEU A HD21 1 
ATOM 125 H HD22 . LEU A 1 7  ? -0.913  6.159   -4.118  1.00 2.65 ? 7  LEU A HD22 1 
ATOM 126 H HD23 . LEU A 1 7  ? -0.442  5.576   -2.523  1.00 2.62 ? 7  LEU A HD23 1 
ATOM 127 N N    . LYS A 1 8  ? 1.651   6.360   -7.324  1.00 1.51 ? 8  LYS A N    1 
ATOM 128 C CA   . LYS A 1 8  ? 1.494   5.004   -7.925  1.00 1.52 ? 8  LYS A CA   1 
ATOM 129 C C    . LYS A 1 8  ? 2.867   4.366   -8.136  1.00 1.55 ? 8  LYS A C    1 
ATOM 130 O O    . LYS A 1 8  ? 3.167   3.855   -9.196  1.00 1.89 ? 8  LYS A O    1 
ATOM 131 C CB   . LYS A 1 8  ? 0.781   5.118   -9.270  1.00 1.58 ? 8  LYS A CB   1 
ATOM 132 C CG   . LYS A 1 8  ? -0.647  5.622   -9.053  1.00 1.63 ? 8  LYS A CG   1 
ATOM 133 C CD   . LYS A 1 8  ? -1.584  4.939   -10.050 1.00 1.91 ? 8  LYS A CD   1 
ATOM 134 C CE   . LYS A 1 8  ? -2.760  5.866   -10.367 1.00 1.97 ? 8  LYS A CE   1 
ATOM 135 N NZ   . LYS A 1 8  ? -3.473  5.366   -11.576 1.00 2.55 ? 8  LYS A NZ   1 
ATOM 136 H H    . LYS A 1 8  ? 1.553   7.159   -7.883  1.00 1.97 ? 8  LYS A H    1 
ATOM 137 H HA   . LYS A 1 8  ? 0.908   4.385   -7.262  1.00 1.50 ? 8  LYS A HA   1 
ATOM 138 H HB2  . LYS A 1 8  ? 1.316   5.811   -9.905  1.00 1.60 ? 8  LYS A HB2  1 
ATOM 139 H HB3  . LYS A 1 8  ? 0.751   4.148   -9.741  1.00 1.71 ? 8  LYS A HB3  1 
ATOM 140 H HG2  . LYS A 1 8  ? -0.960  5.388   -8.045  1.00 1.93 ? 8  LYS A HG2  1 
ATOM 141 H HG3  . LYS A 1 8  ? -0.679  6.691   -9.202  1.00 1.74 ? 8  LYS A HG3  1 
ATOM 142 H HD2  . LYS A 1 8  ? -1.041  4.720   -10.960 1.00 2.55 ? 8  LYS A HD2  1 
ATOM 143 H HD3  . LYS A 1 8  ? -1.955  4.021   -9.623  1.00 2.29 ? 8  LYS A HD3  1 
ATOM 144 H HE2  . LYS A 1 8  ? -3.440  5.885   -9.529  1.00 2.28 ? 8  LYS A HE2  1 
ATOM 145 H HE3  . LYS A 1 8  ? -2.391  6.865   -10.555 1.00 2.29 ? 8  LYS A HE3  1 
ATOM 146 H HZ1  . LYS A 1 8  ? -3.060  4.461   -11.874 1.00 2.85 ? 8  LYS A HZ1  1 
ATOM 147 H HZ2  . LYS A 1 8  ? -4.478  5.229   -11.354 1.00 2.88 ? 8  LYS A HZ2  1 
ATOM 148 H HZ3  . LYS A 1 8  ? -3.379  6.061   -12.345 1.00 3.04 ? 8  LYS A HZ3  1 
ATOM 149 N N    . ASN A 1 9  ? 3.700   4.380   -7.136  1.00 1.49 ? 9  ASN A N    1 
ATOM 150 C CA   . ASN A 1 9  ? 5.046   3.761   -7.286  1.00 1.53 ? 9  ASN A CA   1 
ATOM 151 C C    . ASN A 1 9  ? 5.119   2.514   -6.403  1.00 1.39 ? 9  ASN A C    1 
ATOM 152 O O    . ASN A 1 9  ? 5.296   1.412   -6.880  1.00 1.34 ? 9  ASN A O    1 
ATOM 153 C CB   . ASN A 1 9  ? 6.126   4.758   -6.864  1.00 1.62 ? 9  ASN A CB   1 
ATOM 154 C CG   . ASN A 1 9  ? 5.810   5.299   -5.469  1.00 1.45 ? 9  ASN A CG   1 
ATOM 155 O OD1  . ASN A 1 9  ? 6.657   5.294   -4.599  1.00 1.78 ? 9  ASN A OD1  1 
ATOM 156 N ND2  . ASN A 1 9  ? 4.619   5.770   -5.219  1.00 1.60 ? 9  ASN A ND2  1 
ATOM 157 H H    . ASN A 1 9  ? 3.440   4.790   -6.284  1.00 1.64 ? 9  ASN A H    1 
ATOM 158 H HA   . ASN A 1 9  ? 5.198   3.478   -8.318  1.00 1.63 ? 9  ASN A HA   1 
ATOM 159 H HB2  . ASN A 1 9  ? 7.086   4.262   -6.850  1.00 1.83 ? 9  ASN A HB2  1 
ATOM 160 H HB3  . ASN A 1 9  ? 6.154   5.576   -7.568  1.00 1.80 ? 9  ASN A HB3  1 
ATOM 161 H HD21 . ASN A 1 9  ? 3.937   5.776   -5.922  1.00 2.13 ? 9  ASN A HD21 1 
ATOM 162 H HD22 . ASN A 1 9  ? 4.407   6.118   -4.328  1.00 1.51 ? 9  ASN A HD22 1 
ATOM 163 N N    . ALA A 1 10 ? 4.970   2.680   -5.118  1.00 1.41 ? 10 ALA A N    1 
ATOM 164 C CA   . ALA A 1 10 ? 5.016   1.504   -4.207  1.00 1.34 ? 10 ALA A CA   1 
ATOM 165 C C    . ALA A 1 10 ? 3.659   0.800   -4.235  1.00 1.25 ? 10 ALA A C    1 
ATOM 166 O O    . ALA A 1 10 ? 3.414   -0.132  -3.495  1.00 1.20 ? 10 ALA A O    1 
ATOM 167 C CB   . ALA A 1 10 ? 5.321   1.970   -2.783  1.00 1.43 ? 10 ALA A CB   1 
ATOM 168 H H    . ALA A 1 10 ? 4.817   3.576   -4.753  1.00 1.54 ? 10 ALA A H    1 
ATOM 169 H HA   . ALA A 1 10 ? 5.784   0.820   -4.538  1.00 1.33 ? 10 ALA A HA   1 
ATOM 170 H HB1  . ALA A 1 10 ? 4.966   2.982   -2.654  1.00 1.92 ? 10 ALA A HB1  1 
ATOM 171 H HB2  . ALA A 1 10 ? 4.824   1.321   -2.078  1.00 1.67 ? 10 ALA A HB2  1 
ATOM 172 H HB3  . ALA A 1 10 ? 6.387   1.938   -2.615  1.00 1.68 ? 10 ALA A HB3  1 
ATOM 173 N N    . LYS A 1 11 ? 2.772   1.243   -5.085  1.00 1.29 ? 11 LYS A N    1 
ATOM 174 C CA   . LYS A 1 11 ? 1.429   0.605   -5.159  1.00 1.27 ? 11 LYS A CA   1 
ATOM 175 C C    . LYS A 1 11 ? 1.587   -0.905  -5.352  1.00 1.14 ? 11 LYS A C    1 
ATOM 176 O O    . LYS A 1 11 ? 1.418   -1.678  -4.431  1.00 1.06 ? 11 LYS A O    1 
ATOM 177 C CB   . LYS A 1 11 ? 0.656   1.191   -6.341  1.00 1.49 ? 11 LYS A CB   1 
ATOM 178 C CG   . LYS A 1 11 ? -0.665  1.780   -5.846  1.00 1.42 ? 11 LYS A CG   1 
ATOM 179 C CD   . LYS A 1 11 ? -1.550  2.116   -7.047  1.00 1.75 ? 11 LYS A CD   1 
ATOM 180 C CE   . LYS A 1 11 ? -2.849  1.310   -6.968  1.00 1.90 ? 11 LYS A CE   1 
ATOM 181 N NZ   . LYS A 1 11 ? -3.172  0.761   -8.315  1.00 2.34 ? 11 LYS A NZ   1 
ATOM 182 H H    . LYS A 1 11 ? 2.988   1.999   -5.673  1.00 1.39 ? 11 LYS A H    1 
ATOM 183 H HA   . LYS A 1 11 ? 0.888   0.797   -4.245  1.00 1.28 ? 11 LYS A HA   1 
ATOM 184 H HB2  . LYS A 1 11 ? 1.246   1.970   -6.807  1.00 1.86 ? 11 LYS A HB2  1 
ATOM 185 H HB3  . LYS A 1 11 ? 0.454   0.414   -7.062  1.00 2.07 ? 11 LYS A HB3  1 
ATOM 186 H HG2  . LYS A 1 11 ? -1.168  1.058   -5.217  1.00 1.70 ? 11 LYS A HG2  1 
ATOM 187 H HG3  . LYS A 1 11 ? -0.472  2.679   -5.281  1.00 1.76 ? 11 LYS A HG3  1 
ATOM 188 H HD2  . LYS A 1 11 ? -1.778  3.171   -7.042  1.00 2.25 ? 11 LYS A HD2  1 
ATOM 189 H HD3  . LYS A 1 11 ? -1.030  1.865   -7.959  1.00 2.24 ? 11 LYS A HD3  1 
ATOM 190 H HE2  . LYS A 1 11 ? -2.727  0.498   -6.265  1.00 2.36 ? 11 LYS A HE2  1 
ATOM 191 H HE3  . LYS A 1 11 ? -3.652  1.954   -6.638  1.00 2.17 ? 11 LYS A HE3  1 
ATOM 192 H HZ1  . LYS A 1 11 ? -2.303  0.704   -8.883  1.00 2.77 ? 11 LYS A HZ1  1 
ATOM 193 H HZ2  . LYS A 1 11 ? -3.584  -0.189  -8.212  1.00 2.70 ? 11 LYS A HZ2  1 
ATOM 194 H HZ3  . LYS A 1 11 ? -3.857  1.383   -8.787  1.00 2.56 ? 11 LYS A HZ3  1 
ATOM 195 N N    . GLU A 1 12 ? 1.907   -1.330  -6.543  1.00 1.31 ? 12 GLU A N    1 
ATOM 196 C CA   . GLU A 1 12 ? 2.070   -2.791  -6.795  1.00 1.30 ? 12 GLU A CA   1 
ATOM 197 C C    . GLU A 1 12 ? 3.287   -3.313  -6.032  1.00 1.21 ? 12 GLU A C    1 
ATOM 198 O O    . GLU A 1 12 ? 3.255   -4.375  -5.442  1.00 1.16 ? 12 GLU A O    1 
ATOM 199 C CB   . GLU A 1 12 ? 2.270   -3.032  -8.291  1.00 1.61 ? 12 GLU A CB   1 
ATOM 200 C CG   . GLU A 1 12 ? 1.235   -4.044  -8.784  1.00 1.79 ? 12 GLU A CG   1 
ATOM 201 C CD   . GLU A 1 12 ? 1.109   -3.949  -10.306 1.00 2.18 ? 12 GLU A CD   1 
ATOM 202 O OE1  . GLU A 1 12 ? 1.952   -4.511  -10.985 1.00 2.88 ? 12 GLU A OE1  1 
ATOM 203 O OE2  . GLU A 1 12 ? 0.174   -3.316  -10.765 1.00 2.37 ? 12 GLU A OE2  1 
ATOM 204 H H    . GLU A 1 12 ? 2.035   -0.690  -7.275  1.00 1.54 ? 12 GLU A H    1 
ATOM 205 H HA   . GLU A 1 12 ? 1.186   -3.314  -6.461  1.00 1.24 ? 12 GLU A HA   1 
ATOM 206 H HB2  . GLU A 1 12 ? 2.149   -2.101  -8.826  1.00 1.90 ? 12 GLU A HB2  1 
ATOM 207 H HB3  . GLU A 1 12 ? 3.262   -3.422  -8.464  1.00 1.93 ? 12 GLU A HB3  1 
ATOM 208 H HG2  . GLU A 1 12 ? 1.548   -5.041  -8.509  1.00 2.06 ? 12 GLU A HG2  1 
ATOM 209 H HG3  . GLU A 1 12 ? 0.278   -3.829  -8.333  1.00 2.14 ? 12 GLU A HG3  1 
ATOM 210 N N    . ASP A 1 13 ? 4.365   -2.579  -6.045  1.00 1.27 ? 13 ASP A N    1 
ATOM 211 C CA   . ASP A 1 13 ? 5.588   -3.036  -5.327  1.00 1.28 ? 13 ASP A CA   1 
ATOM 212 C C    . ASP A 1 13 ? 5.203   -3.584  -3.950  1.00 1.15 ? 13 ASP A C    1 
ATOM 213 O O    . ASP A 1 13 ? 5.513   -4.709  -3.610  1.00 1.18 ? 13 ASP A O    1 
ATOM 214 C CB   . ASP A 1 13 ? 6.546   -1.857  -5.155  1.00 1.45 ? 13 ASP A CB   1 
ATOM 215 C CG   . ASP A 1 13 ? 7.717   -2.006  -6.129  1.00 1.65 ? 13 ASP A CG   1 
ATOM 216 O OD1  . ASP A 1 13 ? 7.465   -2.095  -7.318  1.00 1.92 ? 13 ASP A OD1  1 
ATOM 217 O OD2  . ASP A 1 13 ? 8.846   -2.027  -5.666  1.00 2.26 ? 13 ASP A OD2  1 
ATOM 218 H H    . ASP A 1 13 ? 4.372   -1.728  -6.530  1.00 1.37 ? 13 ASP A H    1 
ATOM 219 H HA   . ASP A 1 13 ? 6.072   -3.813  -5.900  1.00 1.33 ? 13 ASP A HA   1 
ATOM 220 H HB2  . ASP A 1 13 ? 6.021   -0.934  -5.360  1.00 1.65 ? 13 ASP A HB2  1 
ATOM 221 H HB3  . ASP A 1 13 ? 6.921   -1.842  -4.143  1.00 1.58 ? 13 ASP A HB3  1 
ATOM 222 N N    . ALA A 1 14 ? 4.536   -2.795  -3.156  1.00 1.13 ? 14 ALA A N    1 
ATOM 223 C CA   . ALA A 1 14 ? 4.137   -3.265  -1.799  1.00 1.04 ? 14 ALA A CA   1 
ATOM 224 C C    . ALA A 1 14 ? 3.050   -4.334  -1.922  1.00 0.94 ? 14 ALA A C    1 
ATOM 225 O O    . ALA A 1 14 ? 3.212   -5.452  -1.473  1.00 0.98 ? 14 ALA A O    1 
ATOM 226 C CB   . ALA A 1 14 ? 3.596   -2.083  -0.993  1.00 1.08 ? 14 ALA A CB   1 
ATOM 227 H H    . ALA A 1 14 ? 4.299   -1.890  -3.448  1.00 1.25 ? 14 ALA A H    1 
ATOM 228 H HA   . ALA A 1 14 ? 4.996   -3.681  -1.295  1.00 1.11 ? 14 ALA A HA   1 
ATOM 229 H HB1  . ALA A 1 14 ? 4.313   -1.276  -1.012  1.00 1.50 ? 14 ALA A HB1  1 
ATOM 230 H HB2  . ALA A 1 14 ? 2.665   -1.749  -1.425  1.00 1.42 ? 14 ALA A HB2  1 
ATOM 231 H HB3  . ALA A 1 14 ? 3.429   -2.391  0.029   1.00 1.56 ? 14 ALA A HB3  1 
ATOM 232 N N    . ILE A 1 15 ? 1.942   -4.001  -2.522  1.00 0.91 ? 15 ILE A N    1 
ATOM 233 C CA   . ILE A 1 15 ? 0.845   -4.997  -2.670  1.00 0.88 ? 15 ILE A CA   1 
ATOM 234 C C    . ILE A 1 15 ? 1.411   -6.311  -3.211  1.00 0.92 ? 15 ILE A C    1 
ATOM 235 O O    . ILE A 1 15 ? 0.927   -7.382  -2.898  1.00 0.92 ? 15 ILE A O    1 
ATOM 236 C CB   . ILE A 1 15 ? -0.199  -4.467  -3.650  1.00 0.95 ? 15 ILE A CB   1 
ATOM 237 C CG1  . ILE A 1 15 ? -0.908  -3.256  -3.041  1.00 0.95 ? 15 ILE A CG1  1 
ATOM 238 C CG2  . ILE A 1 15 ? -1.222  -5.565  -3.936  1.00 1.02 ? 15 ILE A CG2  1 
ATOM 239 C CD1  . ILE A 1 15 ? -1.748  -2.564  -4.116  1.00 1.04 ? 15 ILE A CD1  1 
ATOM 240 H H    . ILE A 1 15 ? 1.831   -3.093  -2.876  1.00 0.98 ? 15 ILE A H    1 
ATOM 241 H HA   . ILE A 1 15 ? 0.382   -5.170  -1.710  1.00 0.85 ? 15 ILE A HA   1 
ATOM 242 H HB   . ILE A 1 15 ? 0.288   -4.179  -4.570  1.00 1.02 ? 15 ILE A HB   1 
ATOM 243 H HG12 . ILE A 1 15 ? -1.550  -3.582  -2.235  1.00 1.18 ? 15 ILE A HG12 1 
ATOM 244 H HG13 . ILE A 1 15 ? -0.174  -2.562  -2.659  1.00 1.06 ? 15 ILE A HG13 1 
ATOM 245 H HG21 . ILE A 1 15 ? -0.711  -6.447  -4.293  1.00 1.46 ? 15 ILE A HG21 1 
ATOM 246 H HG22 . ILE A 1 15 ? -1.758  -5.803  -3.028  1.00 1.26 ? 15 ILE A HG22 1 
ATOM 247 H HG23 . ILE A 1 15 ? -1.918  -5.222  -4.687  1.00 1.58 ? 15 ILE A HG23 1 
ATOM 248 H HD11 . ILE A 1 15 ? -2.424  -3.280  -4.562  1.00 1.48 ? 15 ILE A HD11 1 
ATOM 249 H HD12 . ILE A 1 15 ? -2.318  -1.762  -3.670  1.00 1.34 ? 15 ILE A HD12 1 
ATOM 250 H HD13 . ILE A 1 15 ? -1.097  -2.161  -4.879  1.00 1.64 ? 15 ILE A HD13 1 
ATOM 251 N N    . ALA A 1 16 ? 2.427   -6.240  -4.024  1.00 1.00 ? 16 ALA A N    1 
ATOM 252 C CA   . ALA A 1 16 ? 3.019   -7.487  -4.587  1.00 1.08 ? 16 ALA A CA   1 
ATOM 253 C C    . ALA A 1 16 ? 3.576   -8.336  -3.447  1.00 1.11 ? 16 ALA A C    1 
ATOM 254 O O    . ALA A 1 16 ? 3.727   -9.535  -3.565  1.00 1.33 ? 16 ALA A O    1 
ATOM 255 C CB   . ALA A 1 16 ? 4.148   -7.128  -5.556  1.00 1.24 ? 16 ALA A CB   1 
ATOM 256 H H    . ALA A 1 16 ? 2.801   -5.367  -4.264  1.00 1.02 ? 16 ALA A H    1 
ATOM 257 H HA   . ALA A 1 16 ? 2.256   -8.044  -5.112  1.00 1.08 ? 16 ALA A HA   1 
ATOM 258 H HB1  . ALA A 1 16 ? 3.954   -6.160  -5.993  1.00 1.57 ? 16 ALA A HB1  1 
ATOM 259 H HB2  . ALA A 1 16 ? 5.086   -7.101  -5.022  1.00 1.70 ? 16 ALA A HB2  1 
ATOM 260 H HB3  . ALA A 1 16 ? 4.201   -7.871  -6.339  1.00 1.60 ? 16 ALA A HB3  1 
ATOM 261 N N    . GLU A 1 17 ? 3.879   -7.718  -2.341  1.00 1.08 ? 17 GLU A N    1 
ATOM 262 C CA   . GLU A 1 17 ? 4.421   -8.478  -1.187  1.00 1.16 ? 17 GLU A CA   1 
ATOM 263 C C    . GLU A 1 17 ? 3.291   -8.725  -0.185  1.00 1.12 ? 17 GLU A C    1 
ATOM 264 O O    . GLU A 1 17 ? 3.484   -9.326  0.854   1.00 1.28 ? 17 GLU A O    1 
ATOM 265 C CB   . GLU A 1 17 ? 5.529   -7.657  -0.529  1.00 1.32 ? 17 GLU A CB   1 
ATOM 266 C CG   . GLU A 1 17 ? 5.867   -8.257  0.835   1.00 1.89 ? 17 GLU A CG   1 
ATOM 267 C CD   . GLU A 1 17 ? 7.348   -8.028  1.139   1.00 2.24 ? 17 GLU A CD   1 
ATOM 268 O OE1  . GLU A 1 17 ? 7.931   -7.149  0.525   1.00 2.82 ? 17 GLU A OE1  1 
ATOM 269 O OE2  . GLU A 1 17 ? 7.876   -8.734  1.983   1.00 2.56 ? 17 GLU A OE2  1 
ATOM 270 H H    . GLU A 1 17 ? 3.745   -6.751  -2.267  1.00 1.15 ? 17 GLU A H    1 
ATOM 271 H HA   . GLU A 1 17 ? 4.819   -9.422  -1.527  1.00 1.20 ? 17 GLU A HA   1 
ATOM 272 H HB2  . GLU A 1 17 ? 6.408   -7.672  -1.159  1.00 1.63 ? 17 GLU A HB2  1 
ATOM 273 H HB3  . GLU A 1 17 ? 5.194   -6.639  -0.402  1.00 1.38 ? 17 GLU A HB3  1 
ATOM 274 H HG2  . GLU A 1 17 ? 5.262   -7.782  1.594   1.00 2.29 ? 17 GLU A HG2  1 
ATOM 275 H HG3  . GLU A 1 17 ? 5.663   -9.317  0.822   1.00 2.37 ? 17 GLU A HG3  1 
ATOM 276 N N    . LEU A 1 18 ? 2.109   -8.264  -0.497  1.00 1.02 ? 18 LEU A N    1 
ATOM 277 C CA   . LEU A 1 18 ? 0.956   -8.465  0.424   1.00 1.05 ? 18 LEU A CA   1 
ATOM 278 C C    . LEU A 1 18 ? 0.150   -9.683  -0.029  1.00 0.94 ? 18 LEU A C    1 
ATOM 279 O O    . LEU A 1 18 ? -0.088  -10.602 0.729   1.00 1.03 ? 18 LEU A O    1 
ATOM 280 C CB   . LEU A 1 18 ? 0.060   -7.226  0.394   1.00 1.12 ? 18 LEU A CB   1 
ATOM 281 C CG   . LEU A 1 18 ? 0.691   -6.117  1.237   1.00 1.64 ? 18 LEU A CG   1 
ATOM 282 C CD1  . LEU A 1 18 ? 0.073   -6.128  2.637   1.00 2.38 ? 18 LEU A CD1  1 
ATOM 283 C CD2  . LEU A 1 18 ? 2.200   -6.356  1.342   1.00 1.98 ? 18 LEU A CD2  1 
ATOM 284 H H    . LEU A 1 18 ? 1.981   -7.785  -1.342  1.00 1.01 ? 18 LEU A H    1 
ATOM 285 H HA   . LEU A 1 18 ? 1.320   -8.625  1.428   1.00 1.20 ? 18 LEU A HA   1 
ATOM 286 H HB2  . LEU A 1 18 ? -0.050  -6.885  -0.625  1.00 1.17 ? 18 LEU A HB2  1 
ATOM 287 H HB3  . LEU A 1 18 ? -0.911  -7.473  0.798   1.00 1.30 ? 18 LEU A HB3  1 
ATOM 288 H HG   . LEU A 1 18 ? 0.508   -5.161  0.771   1.00 2.27 ? 18 LEU A HG   1 
ATOM 289 H HD11 . LEU A 1 18 ? -0.936  -6.510  2.581   1.00 3.00 ? 18 LEU A HD11 1 
ATOM 290 H HD12 . LEU A 1 18 ? 0.660   -6.759  3.285   1.00 2.64 ? 18 LEU A HD12 1 
ATOM 291 H HD13 . LEU A 1 18 ? 0.055   -5.123  3.031   1.00 2.82 ? 18 LEU A HD13 1 
ATOM 292 H HD21 . LEU A 1 18 ? 2.543   -6.873  0.457   1.00 2.30 ? 18 LEU A HD21 1 
ATOM 293 H HD22 . LEU A 1 18 ? 2.709   -5.408  1.426   1.00 2.55 ? 18 LEU A HD22 1 
ATOM 294 H HD23 . LEU A 1 18 ? 2.409   -6.958  2.214   1.00 2.33 ? 18 LEU A HD23 1 
ATOM 295 N N    . LYS A 1 19 ? -0.279  -9.692  -1.262  1.00 0.87 ? 19 LYS A N    1 
ATOM 296 C CA   . LYS A 1 19 ? -1.075  -10.844 -1.771  1.00 0.90 ? 19 LYS A CA   1 
ATOM 297 C C    . LYS A 1 19 ? -0.426  -12.159 -1.332  1.00 0.98 ? 19 LYS A C    1 
ATOM 298 O O    . LYS A 1 19 ? -1.098  -13.131 -1.055  1.00 1.17 ? 19 LYS A O    1 
ATOM 299 C CB   . LYS A 1 19 ? -1.130  -10.790 -3.298  1.00 0.96 ? 19 LYS A CB   1 
ATOM 300 C CG   . LYS A 1 19 ? -1.779  -12.069 -3.831  1.00 1.43 ? 19 LYS A CG   1 
ATOM 301 C CD   . LYS A 1 19 ? -1.463  -12.218 -5.320  1.00 1.86 ? 19 LYS A CD   1 
ATOM 302 C CE   . LYS A 1 19 ? -1.833  -10.927 -6.052  1.00 2.42 ? 19 LYS A CE   1 
ATOM 303 N NZ   . LYS A 1 19 ? -2.477  -11.261 -7.354  1.00 3.13 ? 19 LYS A NZ   1 
ATOM 304 H H    . LYS A 1 19 ? -0.077  -8.937  -1.854  1.00 0.88 ? 19 LYS A H    1 
ATOM 305 H HA   . LYS A 1 19 ? -2.078  -10.789 -1.373  1.00 0.96 ? 19 LYS A HA   1 
ATOM 306 H HB2  . LYS A 1 19 ? -1.713  -9.933  -3.606  1.00 1.29 ? 19 LYS A HB2  1 
ATOM 307 H HB3  . LYS A 1 19 ? -0.129  -10.705 -3.691  1.00 1.13 ? 19 LYS A HB3  1 
ATOM 308 H HG2  . LYS A 1 19 ? -1.389  -12.920 -3.291  1.00 1.82 ? 19 LYS A HG2  1 
ATOM 309 H HG3  . LYS A 1 19 ? -2.848  -12.015 -3.695  1.00 1.91 ? 19 LYS A HG3  1 
ATOM 310 H HD2  . LYS A 1 19 ? -0.409  -12.416 -5.446  1.00 2.34 ? 19 LYS A HD2  1 
ATOM 311 H HD3  . LYS A 1 19 ? -2.035  -13.038 -5.729  1.00 2.24 ? 19 LYS A HD3  1 
ATOM 312 H HE2  . LYS A 1 19 ? -2.521  -10.354 -5.448  1.00 2.63 ? 19 LYS A HE2  1 
ATOM 313 H HE3  . LYS A 1 19 ? -0.940  -10.347 -6.231  1.00 2.80 ? 19 LYS A HE3  1 
ATOM 314 H HZ1  . LYS A 1 19 ? -2.374  -12.280 -7.541  1.00 3.40 ? 19 LYS A HZ1  1 
ATOM 315 H HZ2  . LYS A 1 19 ? -3.487  -11.015 -7.316  1.00 3.33 ? 19 LYS A HZ2  1 
ATOM 316 H HZ3  . LYS A 1 19 ? -2.020  -10.721 -8.115  1.00 3.68 ? 19 LYS A HZ3  1 
ATOM 317 N N    . LYS A 1 20 ? 0.878   -12.198 -1.270  1.00 0.95 ? 20 LYS A N    1 
ATOM 318 C CA   . LYS A 1 20 ? 1.565   -13.453 -0.853  1.00 1.10 ? 20 LYS A CA   1 
ATOM 319 C C    . LYS A 1 20 ? 1.557   -13.557 0.675   1.00 1.24 ? 20 LYS A C    1 
ATOM 320 O O    . LYS A 1 20 ? 1.542   -14.637 1.232   1.00 1.45 ? 20 LYS A O    1 
ATOM 321 C CB   . LYS A 1 20 ? 3.010   -13.436 -1.359  1.00 1.18 ? 20 LYS A CB   1 
ATOM 322 C CG   . LYS A 1 20 ? 3.436   -14.855 -1.743  1.00 1.82 ? 20 LYS A CG   1 
ATOM 323 C CD   . LYS A 1 20 ? 4.394   -14.796 -2.936  1.00 2.16 ? 20 LYS A CD   1 
ATOM 324 C CE   . LYS A 1 20 ? 5.832   -14.996 -2.450  1.00 2.71 ? 20 LYS A CE   1 
ATOM 325 N NZ   . LYS A 1 20 ? 6.290   -16.369 -2.806  1.00 3.47 ? 20 LYS A NZ   1 
ATOM 326 H H    . LYS A 1 20 ? 1.404   -11.405 -1.500  1.00 0.93 ? 20 LYS A H    1 
ATOM 327 H HA   . LYS A 1 20 ? 1.047   -14.303 -1.273  1.00 1.14 ? 20 LYS A HA   1 
ATOM 328 H HB2  . LYS A 1 20 ? 3.079   -12.792 -2.224  1.00 1.33 ? 20 LYS A HB2  1 
ATOM 329 H HB3  . LYS A 1 20 ? 3.660   -13.064 -0.581  1.00 1.30 ? 20 LYS A HB3  1 
ATOM 330 H HG2  . LYS A 1 20 ? 3.934   -15.320 -0.904  1.00 2.30 ? 20 LYS A HG2  1 
ATOM 331 H HG3  . LYS A 1 20 ? 2.566   -15.434 -2.012  1.00 2.28 ? 20 LYS A HG3  1 
ATOM 332 H HD2  . LYS A 1 20 ? 4.140   -15.575 -3.640  1.00 2.60 ? 20 LYS A HD2  1 
ATOM 333 H HD3  . LYS A 1 20 ? 4.311   -13.834 -3.418  1.00 2.44 ? 20 LYS A HD3  1 
ATOM 334 H HE2  . LYS A 1 20 ? 6.475   -14.269 -2.922  1.00 3.11 ? 20 LYS A HE2  1 
ATOM 335 H HE3  . LYS A 1 20 ? 5.870   -14.870 -1.379  1.00 2.84 ? 20 LYS A HE3  1 
ATOM 336 H HZ1  . LYS A 1 20 ? 5.468   -16.963 -3.033  1.00 3.85 ? 20 LYS A HZ1  1 
ATOM 337 H HZ2  . LYS A 1 20 ? 6.922   -16.319 -3.631  1.00 3.78 ? 20 LYS A HZ2  1 
ATOM 338 H HZ3  . LYS A 1 20 ? 6.803   -16.783 -2.001  1.00 3.79 ? 20 LYS A HZ3  1 
ATOM 339 N N    . ALA A 1 21 ? 1.565   -12.445 1.358   1.00 1.21 ? 21 ALA A N    1 
ATOM 340 C CA   . ALA A 1 21 ? 1.554   -12.485 2.849   1.00 1.40 ? 21 ALA A CA   1 
ATOM 341 C C    . ALA A 1 21 ? 0.301   -13.219 3.329   1.00 1.46 ? 21 ALA A C    1 
ATOM 342 O O    . ALA A 1 21 ? 0.216   -13.649 4.463   1.00 1.72 ? 21 ALA A O    1 
ATOM 343 C CB   . ALA A 1 21 ? 1.550   -11.057 3.399   1.00 1.35 ? 21 ALA A CB   1 
ATOM 344 H H    . ALA A 1 21 ? 1.574   -11.583 0.892   1.00 1.10 ? 21 ALA A H    1 
ATOM 345 H HA   . ALA A 1 21 ? 2.433   -13.005 3.201   1.00 1.63 ? 21 ALA A HA   1 
ATOM 346 H HB1  . ALA A 1 21 ? 2.317   -10.479 2.905   1.00 1.55 ? 21 ALA A HB1  1 
ATOM 347 H HB2  . ALA A 1 21 ? 0.586   -10.605 3.218   1.00 1.72 ? 21 ALA A HB2  1 
ATOM 348 H HB3  . ALA A 1 21 ? 1.744   -11.080 4.461   1.00 1.77 ? 21 ALA A HB3  1 
ATOM 349 N N    . GLY A 1 22 ? -0.675  -13.366 2.474   1.00 1.32 ? 22 GLY A N    1 
ATOM 350 C CA   . GLY A 1 22 ? -1.923  -14.073 2.882   1.00 1.48 ? 22 GLY A CA   1 
ATOM 351 C C    . GLY A 1 22 ? -3.059  -13.059 3.030   1.00 1.34 ? 22 GLY A C    1 
ATOM 352 O O    . GLY A 1 22 ? -4.224  -13.403 2.968   1.00 1.62 ? 22 GLY A O    1 
ATOM 353 H H    . GLY A 1 22 ? -0.586  -13.012 1.564   1.00 1.19 ? 22 GLY A H    1 
ATOM 354 H HA2  . GLY A 1 22 ? -2.185  -14.803 2.129   1.00 1.57 ? 22 GLY A HA2  1 
ATOM 355 H HA3  . GLY A 1 22 ? -1.763  -14.569 3.827   1.00 1.69 ? 22 GLY A HA3  1 
ATOM 356 N N    . ILE A 1 23 ? -2.730  -11.811 3.225   1.00 1.06 ? 23 ILE A N    1 
ATOM 357 C CA   . ILE A 1 23 ? -3.792  -10.775 3.377   1.00 0.97 ? 23 ILE A CA   1 
ATOM 358 C C    . ILE A 1 23 ? -4.370  -10.432 2.003   1.00 0.92 ? 23 ILE A C    1 
ATOM 359 O O    . ILE A 1 23 ? -3.653  -10.089 1.085   1.00 0.98 ? 23 ILE A O    1 
ATOM 360 C CB   . ILE A 1 23 ? -3.189  -9.517  4.005   1.00 0.88 ? 23 ILE A CB   1 
ATOM 361 C CG1  . ILE A 1 23 ? -2.420  -9.900  5.272   1.00 1.05 ? 23 ILE A CG1  1 
ATOM 362 C CG2  . ILE A 1 23 ? -4.309  -8.538  4.363   1.00 1.26 ? 23 ILE A CG2  1 
ATOM 363 C CD1  . ILE A 1 23 ? -1.931  -8.633  5.975   1.00 0.97 ? 23 ILE A CD1  1 
ATOM 364 H H    . ILE A 1 23 ? -1.787  -11.555 3.271   1.00 1.08 ? 23 ILE A H    1 
ATOM 365 H HA   . ILE A 1 23 ? -4.576  -11.154 4.015   1.00 1.12 ? 23 ILE A HA   1 
ATOM 366 H HB   . ILE A 1 23 ? -2.516  -9.051  3.300   1.00 0.97 ? 23 ILE A HB   1 
ATOM 367 H HG12 . ILE A 1 23 ? -3.070  -10.452 5.934   1.00 1.39 ? 23 ILE A HG12 1 
ATOM 368 H HG13 . ILE A 1 23 ? -1.571  -10.512 5.006   1.00 1.36 ? 23 ILE A HG13 1 
ATOM 369 H HG21 . ILE A 1 23 ? -5.266  -8.994  4.155   1.00 1.56 ? 23 ILE A HG21 1 
ATOM 370 H HG22 . ILE A 1 23 ? -4.249  -8.291  5.413   1.00 1.77 ? 23 ILE A HG22 1 
ATOM 371 H HG23 . ILE A 1 23 ? -4.203  -7.639  3.774   1.00 1.81 ? 23 ILE A HG23 1 
ATOM 372 H HD11 . ILE A 1 23 ? -2.489  -7.782  5.614   1.00 1.50 ? 23 ILE A HD11 1 
ATOM 373 H HD12 . ILE A 1 23 ? -2.078  -8.734  7.041   1.00 1.34 ? 23 ILE A HD12 1 
ATOM 374 H HD13 . ILE A 1 23 ? -0.881  -8.489  5.769   1.00 1.41 ? 23 ILE A HD13 1 
ATOM 375 N N    . THR A 1 24 ? -5.664  -10.521 1.855   1.00 0.98 ? 24 THR A N    1 
ATOM 376 C CA   . THR A 1 24 ? -6.288  -10.200 0.541   1.00 1.02 ? 24 THR A CA   1 
ATOM 377 C C    . THR A 1 24 ? -7.395  -9.165  0.743   1.00 1.00 ? 24 THR A C    1 
ATOM 378 O O    . THR A 1 24 ? -8.203  -8.927  -0.133  1.00 1.12 ? 24 THR A O    1 
ATOM 379 C CB   . THR A 1 24 ? -6.881  -11.472 -0.068  1.00 1.24 ? 24 THR A CB   1 
ATOM 380 O OG1  . THR A 1 24 ? -7.277  -12.354 0.975   1.00 1.37 ? 24 THR A OG1  1 
ATOM 381 C CG2  . THR A 1 24 ? -5.834  -12.156 -0.946  1.00 1.38 ? 24 THR A CG2  1 
ATOM 382 H H    . THR A 1 24 ? -6.226  -10.800 2.609   1.00 1.10 ? 24 THR A H    1 
ATOM 383 H HA   . THR A 1 24 ? -5.537  -9.798  -0.124  1.00 0.95 ? 24 THR A HA   1 
ATOM 384 H HB   . THR A 1 24 ? -7.740  -11.217 -0.669  1.00 1.33 ? 24 THR A HB   1 
ATOM 385 H HG1  . THR A 1 24 ? -8.035  -12.856 0.666   1.00 1.72 ? 24 THR A HG1  1 
ATOM 386 H HG21 . THR A 1 24 ? -5.245  -11.405 -1.453  1.00 1.82 ? 24 THR A HG21 1 
ATOM 387 H HG22 . THR A 1 24 ? -5.189  -12.765 -0.331  1.00 1.64 ? 24 THR A HG22 1 
ATOM 388 H HG23 . THR A 1 24 ? -6.328  -12.779 -1.677  1.00 1.74 ? 24 THR A HG23 1 
ATOM 389 N N    . SER A 1 25 ? -7.441  -8.547  1.892   1.00 0.92 ? 25 SER A N    1 
ATOM 390 C CA   . SER A 1 25 ? -8.496  -7.527  2.148   1.00 0.94 ? 25 SER A CA   1 
ATOM 391 C C    . SER A 1 25 ? -8.321  -6.362  1.172   1.00 0.86 ? 25 SER A C    1 
ATOM 392 O O    . SER A 1 25 ? -7.223  -6.048  0.758   1.00 0.93 ? 25 SER A O    1 
ATOM 393 C CB   . SER A 1 25 ? -8.372  -7.015  3.584   1.00 0.90 ? 25 SER A CB   1 
ATOM 394 O OG   . SER A 1 25 ? -9.361  -7.639  4.392   1.00 1.30 ? 25 SER A OG   1 
ATOM 395 H H    . SER A 1 25 ? -6.780  -8.754  2.585   1.00 0.91 ? 25 SER A H    1 
ATOM 396 H HA   . SER A 1 25 ? -9.470  -7.972  2.006   1.00 1.10 ? 25 SER A HA   1 
ATOM 397 H HB2  . SER A 1 25 ? -7.396  -7.254  3.971   1.00 1.18 ? 25 SER A HB2  1 
ATOM 398 H HB3  . SER A 1 25 ? -8.508  -5.942  3.595   1.00 1.13 ? 25 SER A HB3  1 
ATOM 399 H HG   . SER A 1 25 ? -9.773  -6.962  4.932   1.00 1.74 ? 25 SER A HG   1 
ATOM 400 N N    . ASP A 1 26 ? -9.393  -5.720  0.801   1.00 0.90 ? 26 ASP A N    1 
ATOM 401 C CA   . ASP A 1 26 ? -9.286  -4.577  -0.148  1.00 0.90 ? 26 ASP A CA   1 
ATOM 402 C C    . ASP A 1 26 ? -9.108  -3.277  0.636   1.00 0.81 ? 26 ASP A C    1 
ATOM 403 O O    . ASP A 1 26 ? -8.745  -2.255  0.089   1.00 0.85 ? 26 ASP A O    1 
ATOM 404 C CB   . ASP A 1 26 ? -10.559 -4.493  -0.993  1.00 1.12 ? 26 ASP A CB   1 
ATOM 405 C CG   . ASP A 1 26 ? -10.659 -5.727  -1.893  1.00 1.85 ? 26 ASP A CG   1 
ATOM 406 O OD1  . ASP A 1 26 ? -10.682 -6.824  -1.360  1.00 2.43 ? 26 ASP A OD1  1 
ATOM 407 O OD2  . ASP A 1 26 ? -10.711 -5.552  -3.099  1.00 2.58 ? 26 ASP A OD2  1 
ATOM 408 H H    . ASP A 1 26 ? -10.271 -5.989  1.146   1.00 1.06 ? 26 ASP A H    1 
ATOM 409 H HA   . ASP A 1 26 ? -8.433  -4.726  -0.794  1.00 0.85 ? 26 ASP A HA   1 
ATOM 410 H HB2  . ASP A 1 26 ? -11.420 -4.452  -0.341  1.00 1.44 ? 26 ASP A HB2  1 
ATOM 411 H HB3  . ASP A 1 26 ? -10.528 -3.605  -1.606  1.00 1.61 ? 26 ASP A HB3  1 
ATOM 412 N N    . PHE A 1 27 ? -9.359  -3.309  1.914   1.00 0.77 ? 27 PHE A N    1 
ATOM 413 C CA   . PHE A 1 27 ? -9.203  -2.075  2.733   1.00 0.75 ? 27 PHE A CA   1 
ATOM 414 C C    . PHE A 1 27 ? -7.717  -1.787  2.934   1.00 0.65 ? 27 PHE A C    1 
ATOM 415 O O    . PHE A 1 27 ? -7.338  -0.767  3.476   1.00 0.75 ? 27 PHE A O    1 
ATOM 416 C CB   . PHE A 1 27 ? -9.885  -2.280  4.086   1.00 0.82 ? 27 PHE A CB   1 
ATOM 417 C CG   . PHE A 1 27 ? -9.283  -1.347  5.107   1.00 0.80 ? 27 PHE A CG   1 
ATOM 418 C CD1  . PHE A 1 27 ? -7.894  -1.269  5.248   1.00 1.64 ? 27 PHE A CD1  1 
ATOM 419 C CD2  . PHE A 1 27 ? -10.115 -0.567  5.915   1.00 1.26 ? 27 PHE A CD2  1 
ATOM 420 C CE1  . PHE A 1 27 ? -7.334  -0.408  6.200   1.00 1.65 ? 27 PHE A CE1  1 
ATOM 421 C CE2  . PHE A 1 27 ? -9.558  0.294   6.869   1.00 1.32 ? 27 PHE A CE2  1 
ATOM 422 C CZ   . PHE A 1 27 ? -8.167  0.373   7.011   1.00 0.92 ? 27 PHE A CZ   1 
ATOM 423 H H    . PHE A 1 27 ? -9.650  -4.143  2.336   1.00 0.80 ? 27 PHE A H    1 
ATOM 424 H HA   . PHE A 1 27 ? -9.658  -1.245  2.220   1.00 0.84 ? 27 PHE A HA   1 
ATOM 425 H HB2  . PHE A 1 27 ? -10.942 -2.074  3.990   1.00 0.93 ? 27 PHE A HB2  1 
ATOM 426 H HB3  . PHE A 1 27 ? -9.746  -3.301  4.407   1.00 0.83 ? 27 PHE A HB3  1 
ATOM 427 H HD1  . PHE A 1 27 ? -7.256  -1.870  4.618   1.00 2.50 ? 27 PHE A HD1  1 
ATOM 428 H HD2  . PHE A 1 27 ? -11.188 -0.628  5.804   1.00 2.06 ? 27 PHE A HD2  1 
ATOM 429 H HE1  . PHE A 1 27 ? -6.261  -0.349  6.313   1.00 2.50 ? 27 PHE A HE1  1 
ATOM 430 H HE2  . PHE A 1 27 ? -10.200 0.896   7.495   1.00 2.15 ? 27 PHE A HE2  1 
ATOM 431 H HZ   . PHE A 1 27 ? -7.736  1.036   7.747   1.00 1.00 ? 27 PHE A HZ   1 
ATOM 432 N N    . TYR A 1 28 ? -6.873  -2.671  2.488   1.00 0.59 ? 28 TYR A N    1 
ATOM 433 C CA   . TYR A 1 28 ? -5.409  -2.448  2.635   1.00 0.57 ? 28 TYR A CA   1 
ATOM 434 C C    . TYR A 1 28 ? -4.811  -2.225  1.250   1.00 0.65 ? 28 TYR A C    1 
ATOM 435 O O    . TYR A 1 28 ? -3.962  -1.380  1.050   1.00 0.92 ? 28 TYR A O    1 
ATOM 436 C CB   . TYR A 1 28 ? -4.769  -3.677  3.280   1.00 0.55 ? 28 TYR A CB   1 
ATOM 437 C CG   . TYR A 1 28 ? -5.239  -3.776  4.708   1.00 0.59 ? 28 TYR A CG   1 
ATOM 438 C CD1  . TYR A 1 28 ? -5.729  -2.640  5.355   1.00 1.37 ? 28 TYR A CD1  1 
ATOM 439 C CD2  . TYR A 1 28 ? -5.187  -5.000  5.383   1.00 1.31 ? 28 TYR A CD2  1 
ATOM 440 C CE1  . TYR A 1 28 ? -6.169  -2.722  6.680   1.00 1.42 ? 28 TYR A CE1  1 
ATOM 441 C CE2  . TYR A 1 28 ? -5.626  -5.085  6.709   1.00 1.39 ? 28 TYR A CE2  1 
ATOM 442 C CZ   . TYR A 1 28 ? -6.116  -3.945  7.359   1.00 0.82 ? 28 TYR A CZ   1 
ATOM 443 O OH   . TYR A 1 28 ? -6.551  -4.028  8.666   1.00 0.97 ? 28 TYR A OH   1 
ATOM 444 H H    . TYR A 1 28 ? -7.202  -3.482  2.043   1.00 0.67 ? 28 TYR A H    1 
ATOM 445 H HA   . TYR A 1 28 ? -5.232  -1.579  3.252   1.00 0.62 ? 28 TYR A HA   1 
ATOM 446 H HB2  . TYR A 1 28 ? -5.062  -4.564  2.739   1.00 0.58 ? 28 TYR A HB2  1 
ATOM 447 H HB3  . TYR A 1 28 ? -3.694  -3.578  3.261   1.00 0.59 ? 28 TYR A HB3  1 
ATOM 448 H HD1  . TYR A 1 28 ? -5.770  -1.698  4.828   1.00 2.23 ? 28 TYR A HD1  1 
ATOM 449 H HD2  . TYR A 1 28 ? -4.808  -5.878  4.879   1.00 2.15 ? 28 TYR A HD2  1 
ATOM 450 H HE1  . TYR A 1 28 ? -6.546  -1.842  7.180   1.00 2.27 ? 28 TYR A HE1  1 
ATOM 451 H HE2  . TYR A 1 28 ? -5.587  -6.029  7.233   1.00 2.25 ? 28 TYR A HE2  1 
ATOM 452 H HH   . TYR A 1 28 ? -7.278  -3.412  8.778   1.00 1.30 ? 28 TYR A HH   1 
ATOM 453 N N    . PHE A 1 29 ? -5.264  -2.978  0.291   1.00 0.57 ? 29 PHE A N    1 
ATOM 454 C CA   . PHE A 1 29 ? -4.745  -2.822  -1.094  1.00 0.69 ? 29 PHE A CA   1 
ATOM 455 C C    . PHE A 1 29 ? -5.410  -1.609  -1.748  1.00 0.81 ? 29 PHE A C    1 
ATOM 456 O O    . PHE A 1 29 ? -4.777  -0.845  -2.449  1.00 0.91 ? 29 PHE A O    1 
ATOM 457 C CB   . PHE A 1 29 ? -5.080  -4.074  -1.902  1.00 0.76 ? 29 PHE A CB   1 
ATOM 458 C CG   . PHE A 1 29 ? -3.975  -5.095  -1.748  1.00 0.73 ? 29 PHE A CG   1 
ATOM 459 C CD1  . PHE A 1 29 ? -2.839  -4.795  -0.984  1.00 1.53 ? 29 PHE A CD1  1 
ATOM 460 C CD2  . PHE A 1 29 ? -4.090  -6.344  -2.369  1.00 1.26 ? 29 PHE A CD2  1 
ATOM 461 C CE1  . PHE A 1 29 ? -1.821  -5.745  -0.841  1.00 1.55 ? 29 PHE A CE1  1 
ATOM 462 C CE2  . PHE A 1 29 ? -3.071  -7.295  -2.226  1.00 1.32 ? 29 PHE A CE2  1 
ATOM 463 C CZ   . PHE A 1 29 ? -1.937  -6.995  -1.462  1.00 0.86 ? 29 PHE A CZ   1 
ATOM 464 H H    . PHE A 1 29 ? -5.954  -3.647  0.485   1.00 0.60 ? 29 PHE A H    1 
ATOM 465 H HA   . PHE A 1 29 ? -3.676  -2.680  -1.069  1.00 0.68 ? 29 PHE A HA   1 
ATOM 466 H HB2  . PHE A 1 29 ? -6.008  -4.494  -1.544  1.00 0.79 ? 29 PHE A HB2  1 
ATOM 467 H HB3  . PHE A 1 29 ? -5.185  -3.809  -2.942  1.00 0.85 ? 29 PHE A HB3  1 
ATOM 468 H HD1  . PHE A 1 29 ? -2.747  -3.832  -0.504  1.00 2.39 ? 29 PHE A HD1  1 
ATOM 469 H HD2  . PHE A 1 29 ? -4.965  -6.575  -2.959  1.00 2.06 ? 29 PHE A HD2  1 
ATOM 470 H HE1  . PHE A 1 29 ? -0.947  -5.515  -0.251  1.00 2.38 ? 29 PHE A HE1  1 
ATOM 471 H HE2  . PHE A 1 29 ? -3.160  -8.258  -2.705  1.00 2.15 ? 29 PHE A HE2  1 
ATOM 472 H HZ   . PHE A 1 29 ? -1.151  -7.727  -1.351  1.00 0.95 ? 29 PHE A HZ   1 
ATOM 473 N N    . ASN A 1 30 ? -6.684  -1.430  -1.525  1.00 0.85 ? 30 ASN A N    1 
ATOM 474 C CA   . ASN A 1 30 ? -7.390  -0.268  -2.136  1.00 1.00 ? 30 ASN A CA   1 
ATOM 475 C C    . ASN A 1 30 ? -6.893  1.029   -1.495  1.00 1.01 ? 30 ASN A C    1 
ATOM 476 O O    . ASN A 1 30 ? -6.468  1.945   -2.171  1.00 1.15 ? 30 ASN A O    1 
ATOM 477 C CB   . ASN A 1 30 ? -8.897  -0.404  -1.905  1.00 1.09 ? 30 ASN A CB   1 
ATOM 478 C CG   . ASN A 1 30 ? -9.598  -0.649  -3.242  1.00 1.45 ? 30 ASN A CG   1 
ATOM 479 O OD1  . ASN A 1 30 ? -9.087  -1.357  -4.088  1.00 1.99 ? 30 ASN A OD1  1 
ATOM 480 N ND2  . ASN A 1 30 ? -10.754 -0.086  -3.472  1.00 1.95 ? 30 ASN A ND2  1 
ATOM 481 H H    . ASN A 1 30 ? -7.176  -2.059  -0.956  1.00 0.81 ? 30 ASN A H    1 
ATOM 482 H HA   . ASN A 1 30 ? -7.190  -0.243  -3.197  1.00 1.08 ? 30 ASN A HA   1 
ATOM 483 H HB2  . ASN A 1 30 ? -9.085  -1.235  -1.240  1.00 1.13 ? 30 ASN A HB2  1 
ATOM 484 H HB3  . ASN A 1 30 ? -9.277  0.505   -1.463  1.00 1.23 ? 30 ASN A HB3  1 
ATOM 485 H HD21 . ASN A 1 30 ? -11.164 0.486   -2.790  1.00 2.36 ? 30 ASN A HD21 1 
ATOM 486 H HD22 . ASN A 1 30 ? -11.212 -0.238  -4.324  1.00 2.27 ? 30 ASN A HD22 1 
ATOM 487 N N    . ALA A 1 31 ? -6.942  1.113   -0.194  1.00 0.91 ? 31 ALA A N    1 
ATOM 488 C CA   . ALA A 1 31 ? -6.471  2.352   0.490   1.00 0.96 ? 31 ALA A CA   1 
ATOM 489 C C    . ALA A 1 31 ? -4.975  2.531   0.236   1.00 0.95 ? 31 ALA A C    1 
ATOM 490 O O    . ALA A 1 31 ? -4.380  3.511   0.636   1.00 1.03 ? 31 ALA A O    1 
ATOM 491 C CB   . ALA A 1 31 ? -6.726  2.232   1.994   1.00 0.90 ? 31 ALA A CB   1 
ATOM 492 H H    . ALA A 1 31 ? -7.287  0.364   0.333   1.00 0.86 ? 31 ALA A H    1 
ATOM 493 H HA   . ALA A 1 31 ? -7.008  3.204   0.100   1.00 1.07 ? 31 ALA A HA   1 
ATOM 494 H HB1  . ALA A 1 31 ? -7.747  1.922   2.163   1.00 1.42 ? 31 ALA A HB1  1 
ATOM 495 H HB2  . ALA A 1 31 ? -6.053  1.499   2.415   1.00 1.26 ? 31 ALA A HB2  1 
ATOM 496 H HB3  . ALA A 1 31 ? -6.557  3.188   2.464   1.00 1.38 ? 31 ALA A HB3  1 
ATOM 497 N N    . ILE A 1 32 ? -4.361  1.589   -0.427  1.00 0.92 ? 32 ILE A N    1 
ATOM 498 C CA   . ILE A 1 32 ? -2.903  1.703   -0.708  1.00 0.97 ? 32 ILE A CA   1 
ATOM 499 C C    . ILE A 1 32 ? -2.666  2.810   -1.737  1.00 1.11 ? 32 ILE A C    1 
ATOM 500 O O    . ILE A 1 32 ? -1.863  3.698   -1.533  1.00 1.25 ? 32 ILE A O    1 
ATOM 501 C CB   . ILE A 1 32 ? -2.387  0.373   -1.258  1.00 0.96 ? 32 ILE A CB   1 
ATOM 502 C CG1  . ILE A 1 32 ? -1.800  -0.458  -0.116  1.00 1.05 ? 32 ILE A CG1  1 
ATOM 503 C CG2  . ILE A 1 32 ? -1.302  0.640   -2.301  1.00 1.15 ? 32 ILE A CG2  1 
ATOM 504 C CD1  . ILE A 1 32 ? -0.287  -0.586  -0.302  1.00 1.59 ? 32 ILE A CD1  1 
ATOM 505 H H    . ILE A 1 32 ? -4.861  0.806   -0.740  1.00 0.91 ? 32 ILE A H    1 
ATOM 506 H HA   . ILE A 1 32 ? -2.379  1.942   0.206   1.00 0.99 ? 32 ILE A HA   1 
ATOM 507 H HB   . ILE A 1 32 ? -3.203  -0.167  -1.716  1.00 1.04 ? 32 ILE A HB   1 
ATOM 508 H HG12 . ILE A 1 32 ? -2.008  0.028   0.827   1.00 1.58 ? 32 ILE A HG12 1 
ATOM 509 H HG13 . ILE A 1 32 ? -2.245  -1.443  -0.121  1.00 1.53 ? 32 ILE A HG13 1 
ATOM 510 H HG21 . ILE A 1 32 ? -0.654  1.432   -1.952  1.00 1.59 ? 32 ILE A HG21 1 
ATOM 511 H HG22 . ILE A 1 32 ? -0.721  -0.258  -2.455  1.00 1.51 ? 32 ILE A HG22 1 
ATOM 512 H HG23 . ILE A 1 32 ? -1.763  0.936   -3.232  1.00 1.46 ? 32 ILE A HG23 1 
ATOM 513 H HD11 . ILE A 1 32 ? -0.058  -0.647  -1.356  1.00 2.03 ? 32 ILE A HD11 1 
ATOM 514 H HD12 . ILE A 1 32 ? 0.202   0.277   0.124   1.00 2.21 ? 32 ILE A HD12 1 
ATOM 515 H HD13 . ILE A 1 32 ? 0.062   -1.478  0.195   1.00 2.05 ? 32 ILE A HD13 1 
ATOM 516 N N    . ASN A 1 33 ? -3.357  2.765   -2.843  1.00 1.15 ? 33 ASN A N    1 
ATOM 517 C CA   . ASN A 1 33 ? -3.167  3.816   -3.882  1.00 1.34 ? 33 ASN A CA   1 
ATOM 518 C C    . ASN A 1 33 ? -3.776  5.133   -3.393  1.00 1.43 ? 33 ASN A C    1 
ATOM 519 O O    . ASN A 1 33 ? -3.583  6.175   -3.988  1.00 1.65 ? 33 ASN A O    1 
ATOM 520 C CB   . ASN A 1 33 ? -3.854  3.383   -5.180  1.00 1.45 ? 33 ASN A CB   1 
ATOM 521 C CG   . ASN A 1 33 ? -5.372  3.456   -5.004  1.00 2.13 ? 33 ASN A CG   1 
ATOM 522 O OD1  . ASN A 1 33 ? -6.012  2.458   -4.738  1.00 2.77 ? 33 ASN A OD1  1 
ATOM 523 N ND2  . ASN A 1 33 ? -5.979  4.602   -5.145  1.00 2.80 ? 33 ASN A ND2  1 
ATOM 524 H H    . ASN A 1 33 ? -4.001  2.040   -2.991  1.00 1.12 ? 33 ASN A H    1 
ATOM 525 H HA   . ASN A 1 33 ? -2.112  3.954   -4.063  1.00 1.39 ? 33 ASN A HA   1 
ATOM 526 H HB2  . ASN A 1 33 ? -3.553  4.041   -5.981  1.00 1.73 ? 33 ASN A HB2  1 
ATOM 527 H HB3  . ASN A 1 33 ? -3.569  2.370   -5.419  1.00 1.70 ? 33 ASN A HB3  1 
ATOM 528 H HD21 . ASN A 1 33 ? -5.463  5.406   -5.363  1.00 2.97 ? 33 ASN A HD21 1 
ATOM 529 H HD22 . ASN A 1 33 ? -6.951  4.659   -5.034  1.00 3.49 ? 33 ASN A HD22 1 
ATOM 530 N N    . LYS A 1 34 ? -4.504  5.096   -2.312  1.00 1.34 ? 34 LYS A N    1 
ATOM 531 C CA   . LYS A 1 34 ? -5.120  6.346   -1.783  1.00 1.48 ? 34 LYS A CA   1 
ATOM 532 C C    . LYS A 1 34 ? -4.109  7.066   -0.889  1.00 1.44 ? 34 LYS A C    1 
ATOM 533 O O    . LYS A 1 34 ? -4.168  8.267   -0.708  1.00 1.56 ? 34 LYS A O    1 
ATOM 534 C CB   . LYS A 1 34 ? -6.366  5.996   -0.966  1.00 1.52 ? 34 LYS A CB   1 
ATOM 535 C CG   . LYS A 1 34 ? -7.591  5.966   -1.883  1.00 1.77 ? 34 LYS A CG   1 
ATOM 536 C CD   . LYS A 1 34 ? -8.705  6.820   -1.275  1.00 1.98 ? 34 LYS A CD   1 
ATOM 537 C CE   . LYS A 1 34 ? -10.046 6.450   -1.913  1.00 2.64 ? 34 LYS A CE   1 
ATOM 538 N NZ   . LYS A 1 34 ? -10.935 7.647   -1.924  1.00 3.01 ? 34 LYS A NZ   1 
ATOM 539 H H    . LYS A 1 34 ? -4.645  4.245   -1.845  1.00 1.26 ? 34 LYS A H    1 
ATOM 540 H HA   . LYS A 1 34 ? -5.396  6.988   -2.606  1.00 1.65 ? 34 LYS A HA   1 
ATOM 541 H HB2  . LYS A 1 34 ? -6.235  5.027   -0.506  1.00 1.37 ? 34 LYS A HB2  1 
ATOM 542 H HB3  . LYS A 1 34 ? -6.514  6.741   -0.199  1.00 1.59 ? 34 LYS A HB3  1 
ATOM 543 H HG2  . LYS A 1 34 ? -7.324  6.359   -2.855  1.00 2.13 ? 34 LYS A HG2  1 
ATOM 544 H HG3  . LYS A 1 34 ? -7.937  4.948   -1.990  1.00 2.20 ? 34 LYS A HG3  1 
ATOM 545 H HD2  . LYS A 1 34 ? -8.753  6.642   -0.210  1.00 2.40 ? 34 LYS A HD2  1 
ATOM 546 H HD3  . LYS A 1 34 ? -8.499  7.863   -1.456  1.00 2.26 ? 34 LYS A HD3  1 
ATOM 547 H HE2  . LYS A 1 34 ? -9.883  6.114   -2.927  1.00 3.17 ? 34 LYS A HE2  1 
ATOM 548 H HE3  . LYS A 1 34 ? -10.512 5.661   -1.343  1.00 3.01 ? 34 LYS A HE3  1 
ATOM 549 H HZ1  . LYS A 1 34 ? -10.394 8.478   -2.234  1.00 3.07 ? 34 LYS A HZ1  1 
ATOM 550 H HZ2  . LYS A 1 34 ? -11.728 7.484   -2.578  1.00 3.54 ? 34 LYS A HZ2  1 
ATOM 551 H HZ3  . LYS A 1 34 ? -11.303 7.813   -0.966  1.00 3.28 ? 34 LYS A HZ3  1 
ATOM 552 N N    . ALA A 1 35 ? -3.179  6.342   -0.327  1.00 1.32 ? 35 ALA A N    1 
ATOM 553 C CA   . ALA A 1 35 ? -2.163  6.981   0.555   1.00 1.36 ? 35 ALA A CA   1 
ATOM 554 C C    . ALA A 1 35 ? -1.711  8.305   -0.065  1.00 1.51 ? 35 ALA A C    1 
ATOM 555 O O    . ALA A 1 35 ? -2.179  8.702   -1.113  1.00 1.64 ? 35 ALA A O    1 
ATOM 556 C CB   . ALA A 1 35 ? -0.958  6.051   0.703   1.00 1.31 ? 35 ALA A CB   1 
ATOM 557 H H    . ALA A 1 35 ? -3.150  5.375   -0.487  1.00 1.24 ? 35 ALA A H    1 
ATOM 558 H HA   . ALA A 1 35 ? -2.595  7.168   1.527   1.00 1.39 ? 35 ALA A HA   1 
ATOM 559 H HB1  . ALA A 1 35 ? -0.745  5.584   -0.247  1.00 1.84 ? 35 ALA A HB1  1 
ATOM 560 H HB2  . ALA A 1 35 ? -0.099  6.622   1.025   1.00 1.48 ? 35 ALA A HB2  1 
ATOM 561 H HB3  . ALA A 1 35 ? -1.179  5.289   1.437   1.00 1.58 ? 35 ALA A HB3  1 
ATOM 562 N N    . LYS A 1 36 ? -0.802  8.990   0.573   1.00 1.68 ? 36 LYS A N    1 
ATOM 563 C CA   . LYS A 1 36 ? -0.322  10.286  0.018   1.00 1.85 ? 36 LYS A CA   1 
ATOM 564 C C    . LYS A 1 36 ? 0.982   10.064  -0.749  1.00 1.86 ? 36 LYS A C    1 
ATOM 565 O O    . LYS A 1 36 ? 1.048   10.245  -1.948  1.00 1.98 ? 36 LYS A O    1 
ATOM 566 C CB   . LYS A 1 36 ? -0.080  11.271  1.163   1.00 1.95 ? 36 LYS A CB   1 
ATOM 567 C CG   . LYS A 1 36 ? -1.425  11.756  1.706   1.00 2.15 ? 36 LYS A CG   1 
ATOM 568 C CD   . LYS A 1 36 ? -1.198  12.934  2.654   1.00 2.45 ? 36 LYS A CD   1 
ATOM 569 C CE   . LYS A 1 36 ? -2.200  14.044  2.336   1.00 2.76 ? 36 LYS A CE   1 
ATOM 570 N NZ   . LYS A 1 36 ? -3.384  13.913  3.230   1.00 3.22 ? 36 LYS A NZ   1 
ATOM 571 H H    . LYS A 1 36 ? -0.436  8.653   1.417   1.00 1.81 ? 36 LYS A H    1 
ATOM 572 H HA   . LYS A 1 36 ? -1.068  10.690  -0.651  1.00 1.92 ? 36 LYS A HA   1 
ATOM 573 H HB2  . LYS A 1 36 ? 0.472   10.780  1.951   1.00 2.13 ? 36 LYS A HB2  1 
ATOM 574 H HB3  . LYS A 1 36 ? 0.485   12.116  0.798   1.00 2.04 ? 36 LYS A HB3  1 
ATOM 575 H HG2  . LYS A 1 36 ? -2.053  12.070  0.884   1.00 2.44 ? 36 LYS A HG2  1 
ATOM 576 H HG3  . LYS A 1 36 ? -1.908  10.952  2.241   1.00 2.44 ? 36 LYS A HG3  1 
ATOM 577 H HD2  . LYS A 1 36 ? -1.334  12.605  3.675   1.00 2.77 ? 36 LYS A HD2  1 
ATOM 578 H HD3  . LYS A 1 36 ? -0.195  13.310  2.528   1.00 2.76 ? 36 LYS A HD3  1 
ATOM 579 H HE2  . LYS A 1 36 ? -1.734  15.005  2.492   1.00 3.08 ? 36 LYS A HE2  1 
ATOM 580 H HE3  . LYS A 1 36 ? -2.515  13.960  1.306   1.00 3.04 ? 36 LYS A HE3  1 
ATOM 581 H HZ1  . LYS A 1 36 ? -3.096  13.475  4.127   1.00 3.44 ? 36 LYS A HZ1  1 
ATOM 582 H HZ2  . LYS A 1 36 ? -3.781  14.857  3.417   1.00 3.76 ? 36 LYS A HZ2  1 
ATOM 583 H HZ3  . LYS A 1 36 ? -4.101  13.319  2.770   1.00 3.39 ? 36 LYS A HZ3  1 
ATOM 584 N N    . THR A 1 37 ? 2.023   9.671   -0.066  1.00 1.79 ? 37 THR A N    1 
ATOM 585 C CA   . THR A 1 37 ? 3.320   9.438   -0.760  1.00 1.83 ? 37 THR A CA   1 
ATOM 586 C C    . THR A 1 37 ? 3.748   7.983   -0.563  1.00 1.68 ? 37 THR A C    1 
ATOM 587 O O    . THR A 1 37 ? 2.993   7.166   -0.076  1.00 1.53 ? 37 THR A O    1 
ATOM 588 C CB   . THR A 1 37 ? 4.386   10.371  -0.177  1.00 1.95 ? 37 THR A CB   1 
ATOM 589 O OG1  . THR A 1 37 ? 5.153   9.666   0.791   1.00 2.34 ? 37 THR A OG1  1 
ATOM 590 C CG2  . THR A 1 37 ? 3.709   11.575  0.481   1.00 2.39 ? 37 THR A CG2  1 
ATOM 591 H H    . THR A 1 37 ? 1.951   9.530   0.902   1.00 1.74 ? 37 THR A H    1 
ATOM 592 H HA   . THR A 1 37 ? 3.205   9.640   -1.815  1.00 1.91 ? 37 THR A HA   1 
ATOM 593 H HB   . THR A 1 37 ? 5.034   10.716  -0.967  1.00 2.14 ? 37 THR A HB   1 
ATOM 594 H HG1  . THR A 1 37 ? 5.197   10.205  1.585   1.00 2.83 ? 37 THR A HG1  1 
ATOM 595 H HG21 . THR A 1 37 ? 2.997   12.008  -0.206  1.00 2.65 ? 37 THR A HG21 1 
ATOM 596 H HG22 . THR A 1 37 ? 3.196   11.255  1.377   1.00 2.76 ? 37 THR A HG22 1 
ATOM 597 H HG23 . THR A 1 37 ? 4.455   12.312  0.739   1.00 2.86 ? 37 THR A HG23 1 
ATOM 598 N N    . VAL A 1 38 ? 4.955   7.649   -0.936  1.00 1.75 ? 38 VAL A N    1 
ATOM 599 C CA   . VAL A 1 38 ? 5.424   6.245   -0.765  1.00 1.63 ? 38 VAL A CA   1 
ATOM 600 C C    . VAL A 1 38 ? 5.418   5.889   0.718   1.00 1.54 ? 38 VAL A C    1 
ATOM 601 O O    . VAL A 1 38 ? 5.098   4.782   1.104   1.00 1.41 ? 38 VAL A O    1 
ATOM 602 C CB   . VAL A 1 38 ? 6.841   6.103   -1.321  1.00 1.72 ? 38 VAL A CB   1 
ATOM 603 C CG1  . VAL A 1 38 ? 7.310   4.658   -1.156  1.00 1.66 ? 38 VAL A CG1  1 
ATOM 604 C CG2  . VAL A 1 38 ? 6.844   6.473   -2.805  1.00 1.84 ? 38 VAL A CG2  1 
ATOM 605 H H    . VAL A 1 38 ? 5.551   8.323   -1.327  1.00 1.88 ? 38 VAL A H    1 
ATOM 606 H HA   . VAL A 1 38 ? 4.761   5.580   -1.293  1.00 1.55 ? 38 VAL A HA   1 
ATOM 607 H HB   . VAL A 1 38 ? 7.507   6.761   -0.782  1.00 1.78 ? 38 VAL A HB   1 
ATOM 608 H HG11 . VAL A 1 38 ? 6.554   4.090   -0.634  1.00 2.02 ? 38 VAL A HG11 1 
ATOM 609 H HG12 . VAL A 1 38 ? 7.480   4.221   -2.130  1.00 1.93 ? 38 VAL A HG12 1 
ATOM 610 H HG13 . VAL A 1 38 ? 8.229   4.639   -0.589  1.00 1.86 ? 38 VAL A HG13 1 
ATOM 611 H HG21 . VAL A 1 38 ? 6.289   7.389   -2.949  1.00 2.13 ? 38 VAL A HG21 1 
ATOM 612 H HG22 . VAL A 1 38 ? 7.861   6.612   -3.140  1.00 2.13 ? 38 VAL A HG22 1 
ATOM 613 H HG23 . VAL A 1 38 ? 6.382   5.680   -3.374  1.00 2.13 ? 38 VAL A HG23 1 
ATOM 614 N N    . GLU A 1 39 ? 5.766   6.823   1.554   1.00 1.66 ? 39 GLU A N    1 
ATOM 615 C CA   . GLU A 1 39 ? 5.776   6.547   3.016   1.00 1.62 ? 39 GLU A CA   1 
ATOM 616 C C    . GLU A 1 39 ? 4.350   6.246   3.477   1.00 1.49 ? 39 GLU A C    1 
ATOM 617 O O    . GLU A 1 39 ? 4.132   5.525   4.430   1.00 1.40 ? 39 GLU A O    1 
ATOM 618 C CB   . GLU A 1 39 ? 6.310   7.769   3.765   1.00 1.81 ? 39 GLU A CB   1 
ATOM 619 C CG   . GLU A 1 39 ? 7.732   8.078   3.290   1.00 2.18 ? 39 GLU A CG   1 
ATOM 620 C CD   . GLU A 1 39 ? 8.408   9.027   4.283   1.00 2.51 ? 39 GLU A CD   1 
ATOM 621 O OE1  . GLU A 1 39 ? 8.514   8.662   5.443   1.00 3.10 ? 39 GLU A OE1  1 
ATOM 622 O OE2  . GLU A 1 39 ? 8.809   10.102  3.866   1.00 2.74 ? 39 GLU A OE2  1 
ATOM 623 H H    . GLU A 1 39 ? 6.014   7.708   1.218   1.00 1.80 ? 39 GLU A H    1 
ATOM 624 H HA   . GLU A 1 39 ? 6.407   5.693   3.218   1.00 1.58 ? 39 GLU A HA   1 
ATOM 625 H HB2  . GLU A 1 39 ? 5.671   8.619   3.568   1.00 2.30 ? 39 GLU A HB2  1 
ATOM 626 H HB3  . GLU A 1 39 ? 6.323   7.566   4.825   1.00 2.00 ? 39 GLU A HB3  1 
ATOM 627 H HG2  . GLU A 1 39 ? 8.297   7.160   3.225   1.00 2.51 ? 39 GLU A HG2  1 
ATOM 628 H HG3  . GLU A 1 39 ? 7.693   8.547   2.318   1.00 2.73 ? 39 GLU A HG3  1 
ATOM 629 N N    . GLU A 1 40 ? 3.374   6.789   2.800   1.00 1.51 ? 40 GLU A N    1 
ATOM 630 C CA   . GLU A 1 40 ? 1.961   6.530   3.192   1.00 1.40 ? 40 GLU A CA   1 
ATOM 631 C C    . GLU A 1 40 ? 1.533   5.170   2.638   1.00 1.22 ? 40 GLU A C    1 
ATOM 632 O O    . GLU A 1 40 ? 0.766   4.452   3.249   1.00 1.10 ? 40 GLU A O    1 
ATOM 633 C CB   . GLU A 1 40 ? 1.060   7.626   2.616   1.00 1.53 ? 40 GLU A CB   1 
ATOM 634 C CG   . GLU A 1 40 ? 1.141   8.872   3.501   1.00 1.78 ? 40 GLU A CG   1 
ATOM 635 C CD   . GLU A 1 40 ? 0.776   8.502   4.938   1.00 1.94 ? 40 GLU A CD   1 
ATOM 636 O OE1  . GLU A 1 40 ? 0.012   7.566   5.113   1.00 2.58 ? 40 GLU A OE1  1 
ATOM 637 O OE2  . GLU A 1 40 ? 1.268   9.158   5.841   1.00 2.27 ? 40 GLU A OE2  1 
ATOM 638 H H    . GLU A 1 40 ? 3.572   7.364   2.031   1.00 1.60 ? 40 GLU A H    1 
ATOM 639 H HA   . GLU A 1 40 ? 1.881   6.523   4.268   1.00 1.40 ? 40 GLU A HA   1 
ATOM 640 H HB2  . GLU A 1 40 ? 1.387   7.872   1.616   1.00 1.71 ? 40 GLU A HB2  1 
ATOM 641 H HB3  . GLU A 1 40 ? 0.040   7.275   2.587   1.00 1.59 ? 40 GLU A HB3  1 
ATOM 642 H HG2  . GLU A 1 40 ? 2.147   9.268   3.473   1.00 2.25 ? 40 GLU A HG2  1 
ATOM 643 H HG3  . GLU A 1 40 ? 0.451   9.617   3.137   1.00 2.25 ? 40 GLU A HG3  1 
ATOM 644 N N    . VAL A 1 41 ? 2.033   4.807   1.488   1.00 1.22 ? 41 VAL A N    1 
ATOM 645 C CA   . VAL A 1 41 ? 1.663   3.490   0.899   1.00 1.07 ? 41 VAL A CA   1 
ATOM 646 C C    . VAL A 1 41 ? 2.351   2.378   1.689   1.00 0.97 ? 41 VAL A C    1 
ATOM 647 O O    . VAL A 1 41 ? 1.712   1.490   2.218   1.00 0.88 ? 41 VAL A O    1 
ATOM 648 C CB   . VAL A 1 41 ? 2.122   3.436   -0.560  1.00 1.14 ? 41 VAL A CB   1 
ATOM 649 C CG1  . VAL A 1 41 ? 1.496   2.223   -1.248  1.00 1.13 ? 41 VAL A CG1  1 
ATOM 650 C CG2  . VAL A 1 41 ? 1.682   4.713   -1.280  1.00 1.24 ? 41 VAL A CG2  1 
ATOM 651 H H    . VAL A 1 41 ? 2.655   5.397   1.015   1.00 1.34 ? 41 VAL A H    1 
ATOM 652 H HA   . VAL A 1 41 ? 0.592   3.359   0.948   1.00 1.03 ? 41 VAL A HA   1 
ATOM 653 H HB   . VAL A 1 41 ? 3.200   3.354   -0.596  1.00 1.19 ? 41 VAL A HB   1 
ATOM 654 H HG11 . VAL A 1 41 ? 0.420   2.278   -1.165  1.00 1.67 ? 41 VAL A HG11 1 
ATOM 655 H HG12 . VAL A 1 41 ? 1.777   2.216   -2.292  1.00 1.52 ? 41 VAL A HG12 1 
ATOM 656 H HG13 . VAL A 1 41 ? 1.848   1.318   -0.775  1.00 1.37 ? 41 VAL A HG13 1 
ATOM 657 H HG21 . VAL A 1 41 ? 0.735   5.043   -0.883  1.00 1.75 ? 41 VAL A HG21 1 
ATOM 658 H HG22 . VAL A 1 41 ? 2.424   5.483   -1.131  1.00 1.63 ? 41 VAL A HG22 1 
ATOM 659 H HG23 . VAL A 1 41 ? 1.579   4.512   -2.337  1.00 1.48 ? 41 VAL A HG23 1 
ATOM 660 N N    . ASN A 1 42 ? 3.651   2.424   1.779   1.00 1.03 ? 42 ASN A N    1 
ATOM 661 C CA   . ASN A 1 42 ? 4.381   1.373   2.540   1.00 1.01 ? 42 ASN A CA   1 
ATOM 662 C C    . ASN A 1 42 ? 3.936   1.415   4.002   1.00 0.99 ? 42 ASN A C    1 
ATOM 663 O O    . ASN A 1 42 ? 3.916   0.410   4.684   1.00 0.96 ? 42 ASN A O    1 
ATOM 664 C CB   . ASN A 1 42 ? 5.887   1.637   2.456   1.00 1.17 ? 42 ASN A CB   1 
ATOM 665 C CG   . ASN A 1 42 ? 6.390   1.279   1.056   1.00 1.32 ? 42 ASN A CG   1 
ATOM 666 O OD1  . ASN A 1 42 ? 6.145   0.194   0.569   1.00 1.46 ? 42 ASN A OD1  1 
ATOM 667 N ND2  . ASN A 1 42 ? 7.088   2.153   0.384   1.00 1.58 ? 42 ASN A ND2  1 
ATOM 668 H H    . ASN A 1 42 ? 4.147   3.151   1.347   1.00 1.13 ? 42 ASN A H    1 
ATOM 669 H HA   . ASN A 1 42 ? 4.158   0.403   2.121   1.00 0.95 ? 42 ASN A HA   1 
ATOM 670 H HB2  . ASN A 1 42 ? 6.081   2.681   2.655   1.00 1.37 ? 42 ASN A HB2  1 
ATOM 671 H HB3  . ASN A 1 42 ? 6.400   1.029   3.187   1.00 1.28 ? 42 ASN A HB3  1 
ATOM 672 H HD21 . ASN A 1 42 ? 7.287   3.029   0.777   1.00 1.67 ? 42 ASN A HD21 1 
ATOM 673 H HD22 . ASN A 1 42 ? 7.415   1.934   -0.514  1.00 1.81 ? 42 ASN A HD22 1 
ATOM 674 N N    . ALA A 1 43 ? 3.572   2.571   4.485   1.00 1.07 ? 43 ALA A N    1 
ATOM 675 C CA   . ALA A 1 43 ? 3.121   2.677   5.900   1.00 1.10 ? 43 ALA A CA   1 
ATOM 676 C C    . ALA A 1 43 ? 1.794   1.934   6.060   1.00 0.95 ? 43 ALA A C    1 
ATOM 677 O O    . ALA A 1 43 ? 1.574   1.239   7.031   1.00 0.95 ? 43 ALA A O    1 
ATOM 678 C CB   . ALA A 1 43 ? 2.931   4.151   6.267   1.00 1.29 ? 43 ALA A CB   1 
ATOM 679 H H    . ALA A 1 43 ? 3.592   3.368   3.915   1.00 1.13 ? 43 ALA A H    1 
ATOM 680 H HA   . ALA A 1 43 ? 3.863   2.235   6.550   1.00 1.16 ? 43 ALA A HA   1 
ATOM 681 H HB1  . ALA A 1 43 ? 3.741   4.732   5.851   1.00 1.62 ? 43 ALA A HB1  1 
ATOM 682 H HB2  . ALA A 1 43 ? 1.992   4.502   5.868   1.00 1.68 ? 43 ALA A HB2  1 
ATOM 683 H HB3  . ALA A 1 43 ? 2.928   4.256   7.342   1.00 1.73 ? 43 ALA A HB3  1 
ATOM 684 N N    . LEU A 1 44 ? 0.910   2.073   5.111   1.00 0.89 ? 44 LEU A N    1 
ATOM 685 C CA   . LEU A 1 44 ? -0.401  1.373   5.208   1.00 0.80 ? 44 LEU A CA   1 
ATOM 686 C C    . LEU A 1 44 ? -0.168  -0.136  5.308   1.00 0.69 ? 44 LEU A C    1 
ATOM 687 O O    . LEU A 1 44 ? -0.749  -0.810  6.135   1.00 0.70 ? 44 LEU A O    1 
ATOM 688 C CB   . LEU A 1 44 ? -1.233  1.675   3.960   1.00 0.86 ? 44 LEU A CB   1 
ATOM 689 C CG   . LEU A 1 44 ? -2.153  2.864   4.233   1.00 1.39 ? 44 LEU A CG   1 
ATOM 690 C CD1  . LEU A 1 44 ? -2.627  3.457   2.905   1.00 1.86 ? 44 LEU A CD1  1 
ATOM 691 C CD2  . LEU A 1 44 ? -3.365  2.395   5.041   1.00 1.85 ? 44 LEU A CD2  1 
ATOM 692 H H    . LEU A 1 44 ? 1.109   2.638   4.334   1.00 0.95 ? 44 LEU A H    1 
ATOM 693 H HA   . LEU A 1 44 ? -0.930  1.715   6.085   1.00 0.87 ? 44 LEU A HA   1 
ATOM 694 H HB2  . LEU A 1 44 ? -0.572  1.911   3.137   1.00 1.18 ? 44 LEU A HB2  1 
ATOM 695 H HB3  . LEU A 1 44 ? -1.829  0.812   3.706   1.00 1.39 ? 44 LEU A HB3  1 
ATOM 696 H HG   . LEU A 1 44 ? -1.613  3.616   4.790   1.00 1.96 ? 44 LEU A HG   1 
ATOM 697 H HD11 . LEU A 1 44 ? -2.086  2.995   2.092   1.00 2.30 ? 44 LEU A HD11 1 
ATOM 698 H HD12 . LEU A 1 44 ? -3.684  3.272   2.785   1.00 2.35 ? 44 LEU A HD12 1 
ATOM 699 H HD13 . LEU A 1 44 ? -2.444  4.522   2.901   1.00 2.16 ? 44 LEU A HD13 1 
ATOM 700 H HD21 . LEU A 1 44 ? -3.509  1.334   4.893   1.00 2.40 ? 44 LEU A HD21 1 
ATOM 701 H HD22 . LEU A 1 44 ? -3.196  2.592   6.090   1.00 2.02 ? 44 LEU A HD22 1 
ATOM 702 H HD23 . LEU A 1 44 ? -4.245  2.927   4.713   1.00 2.35 ? 44 LEU A HD23 1 
ATOM 703 N N    . LYS A 1 45 ? 0.676   -0.672  4.469   1.00 0.70 ? 45 LYS A N    1 
ATOM 704 C CA   . LYS A 1 45 ? 0.942   -2.137  4.512   1.00 0.74 ? 45 LYS A CA   1 
ATOM 705 C C    . LYS A 1 45 ? 1.496   -2.521  5.887   1.00 0.82 ? 45 LYS A C    1 
ATOM 706 O O    . LYS A 1 45 ? 1.262   -3.606  6.379   1.00 0.89 ? 45 LYS A O    1 
ATOM 707 C CB   . LYS A 1 45 ? 1.960   -2.502  3.429   1.00 0.90 ? 45 LYS A CB   1 
ATOM 708 C CG   . LYS A 1 45 ? 1.333   -3.496  2.448   1.00 1.41 ? 45 LYS A CG   1 
ATOM 709 C CD   . LYS A 1 45 ? 0.350   -2.762  1.532   1.00 1.57 ? 45 LYS A CD   1 
ATOM 710 C CE   . LYS A 1 45 ? -0.718  -3.739  1.035   1.00 1.77 ? 45 LYS A CE   1 
ATOM 711 N NZ   . LYS A 1 45 ? -1.365  -4.402  2.202   1.00 2.52 ? 45 LYS A NZ   1 
ATOM 712 H H    . LYS A 1 45 ? 1.133   -0.112  3.807   1.00 0.76 ? 45 LYS A H    1 
ATOM 713 H HA   . LYS A 1 45 ? 0.022   -2.673  4.334   1.00 0.72 ? 45 LYS A HA   1 
ATOM 714 H HB2  . LYS A 1 45 ? 2.255   -1.608  2.897   1.00 1.05 ? 45 LYS A HB2  1 
ATOM 715 H HB3  . LYS A 1 45 ? 2.829   -2.950  3.887   1.00 1.22 ? 45 LYS A HB3  1 
ATOM 716 H HG2  . LYS A 1 45 ? 2.111   -3.952  1.853   1.00 1.92 ? 45 LYS A HG2  1 
ATOM 717 H HG3  . LYS A 1 45 ? 0.806   -4.260  2.999   1.00 1.92 ? 45 LYS A HG3  1 
ATOM 718 H HD2  . LYS A 1 45 ? -0.122  -1.959  2.080   1.00 1.88 ? 45 LYS A HD2  1 
ATOM 719 H HD3  . LYS A 1 45 ? 0.884   -2.356  0.685   1.00 1.97 ? 45 LYS A HD3  1 
ATOM 720 H HE2  . LYS A 1 45 ? -1.464  -3.198  0.470   1.00 1.88 ? 45 LYS A HE2  1 
ATOM 721 H HE3  . LYS A 1 45 ? -0.261  -4.485  0.402   1.00 1.99 ? 45 LYS A HE3  1 
ATOM 722 H HZ1  . LYS A 1 45 ? -0.834  -4.178  3.067   1.00 3.06 ? 45 LYS A HZ1  1 
ATOM 723 H HZ2  . LYS A 1 45 ? -2.344  -4.061  2.295   1.00 2.71 ? 45 LYS A HZ2  1 
ATOM 724 H HZ3  . LYS A 1 45 ? -1.369  -5.431  2.057   1.00 2.97 ? 45 LYS A HZ3  1 
ATOM 725 N N    . ASN A 1 46 ? 2.231   -1.639  6.510   1.00 0.93 ? 46 ASN A N    1 
ATOM 726 C CA   . ASN A 1 46 ? 2.800   -1.957  7.850   1.00 1.10 ? 46 ASN A CA   1 
ATOM 727 C C    . ASN A 1 46 ? 1.710   -1.827  8.915   1.00 1.02 ? 46 ASN A C    1 
ATOM 728 O O    . ASN A 1 46 ? 1.824   -2.358  10.001  1.00 1.13 ? 46 ASN A O    1 
ATOM 729 C CB   . ASN A 1 46 ? 3.940   -0.986  8.163   1.00 1.32 ? 46 ASN A CB   1 
ATOM 730 C CG   . ASN A 1 46 ? 5.130   -1.286  7.252   1.00 1.49 ? 46 ASN A CG   1 
ATOM 731 O OD1  . ASN A 1 46 ? 5.282   -2.394  6.776   1.00 1.94 ? 46 ASN A OD1  1 
ATOM 732 N ND2  . ASN A 1 46 ? 5.988   -0.339  6.987   1.00 1.61 ? 46 ASN A ND2  1 
ATOM 733 H H    . ASN A 1 46 ? 2.410   -0.769  6.095   1.00 0.95 ? 46 ASN A H    1 
ATOM 734 H HA   . ASN A 1 46 ? 3.180   -2.969  7.849   1.00 1.19 ? 46 ASN A HA   1 
ATOM 735 H HB2  . ASN A 1 46 ? 3.604   0.027   7.995   1.00 1.33 ? 46 ASN A HB2  1 
ATOM 736 H HB3  . ASN A 1 46 ? 4.239   -1.101  9.193   1.00 1.50 ? 46 ASN A HB3  1 
ATOM 737 H HD21 . ASN A 1 46 ? 5.864   0.555   7.370   1.00 1.87 ? 46 ASN A HD21 1 
ATOM 738 H HD22 . ASN A 1 46 ? 6.754   -0.520  6.405   1.00 1.73 ? 46 ASN A HD22 1 
ATOM 739 N N    . GLU A 1 47 ? 0.652   -1.127  8.613   1.00 0.89 ? 47 GLU A N    1 
ATOM 740 C CA   . GLU A 1 47 ? -0.444  -0.968  9.610   1.00 0.87 ? 47 GLU A CA   1 
ATOM 741 C C    . GLU A 1 47 ? -1.334  -2.212  9.587   1.00 0.75 ? 47 GLU A C    1 
ATOM 742 O O    . GLU A 1 47 ? -1.909  -2.594  10.586  1.00 0.86 ? 47 GLU A O    1 
ATOM 743 C CB   . GLU A 1 47 ? -1.278  0.267   9.262   1.00 0.89 ? 47 GLU A CB   1 
ATOM 744 C CG   . GLU A 1 47 ? -1.325  1.207   10.468  1.00 1.28 ? 47 GLU A CG   1 
ATOM 745 C CD   . GLU A 1 47 ? -2.368  2.301   10.225  1.00 1.75 ? 47 GLU A CD   1 
ATOM 746 O OE1  . GLU A 1 47 ? -2.300  2.936   9.186   1.00 2.32 ? 47 GLU A OE1  1 
ATOM 747 O OE2  . GLU A 1 47 ? -3.217  2.483   11.082  1.00 2.27 ? 47 GLU A OE2  1 
ATOM 748 H H    . GLU A 1 47 ? 0.576   -0.707  7.731   1.00 0.86 ? 47 GLU A H    1 
ATOM 749 H HA   . GLU A 1 47 ? -0.020  -0.851  10.597  1.00 0.99 ? 47 GLU A HA   1 
ATOM 750 H HB2  . GLU A 1 47 ? -0.830  0.779   8.422   1.00 1.12 ? 47 GLU A HB2  1 
ATOM 751 H HB3  . GLU A 1 47 ? -2.282  -0.036  9.005   1.00 1.27 ? 47 GLU A HB3  1 
ATOM 752 H HG2  . GLU A 1 47 ? -1.591  0.645   11.352  1.00 1.83 ? 47 GLU A HG2  1 
ATOM 753 H HG3  . GLU A 1 47 ? -0.356  1.662   10.609  1.00 1.73 ? 47 GLU A HG3  1 
ATOM 754 N N    . ILE A 1 48 ? -1.450  -2.850  8.456   1.00 0.69 ? 48 ILE A N    1 
ATOM 755 C CA   . ILE A 1 48 ? -2.302  -4.069  8.377   1.00 0.69 ? 48 ILE A CA   1 
ATOM 756 C C    . ILE A 1 48 ? -1.844  -5.077  9.434   1.00 0.79 ? 48 ILE A C    1 
ATOM 757 O O    . ILE A 1 48 ? -2.641  -5.779  10.023  1.00 0.87 ? 48 ILE A O    1 
ATOM 758 C CB   . ILE A 1 48 ? -2.174  -4.694  6.987   1.00 0.72 ? 48 ILE A CB   1 
ATOM 759 C CG1  . ILE A 1 48 ? -2.890  -3.811  5.963   1.00 0.73 ? 48 ILE A CG1  1 
ATOM 760 C CG2  . ILE A 1 48 ? -2.813  -6.085  6.993   1.00 0.82 ? 48 ILE A CG2  1 
ATOM 761 C CD1  . ILE A 1 48 ? -1.927  -3.465  4.826   1.00 1.25 ? 48 ILE A CD1  1 
ATOM 762 H H    . ILE A 1 48 ? -0.976  -2.529  7.658   1.00 0.76 ? 48 ILE A H    1 
ATOM 763 H HA   . ILE A 1 48 ? -3.332  -3.801  8.559   1.00 0.71 ? 48 ILE A HA   1 
ATOM 764 H HB   . ILE A 1 48 ? -1.129  -4.779  6.725   1.00 0.87 ? 48 ILE A HB   1 
ATOM 765 H HG12 . ILE A 1 48 ? -3.744  -4.339  5.564   1.00 0.97 ? 48 ILE A HG12 1 
ATOM 766 H HG13 . ILE A 1 48 ? -3.221  -2.900  6.440   1.00 1.30 ? 48 ILE A HG13 1 
ATOM 767 H HG21 . ILE A 1 48 ? -2.845  -6.462  8.004   1.00 1.29 ? 48 ILE A HG21 1 
ATOM 768 H HG22 . ILE A 1 48 ? -3.816  -6.021  6.600   1.00 1.25 ? 48 ILE A HG22 1 
ATOM 769 H HG23 . ILE A 1 48 ? -2.227  -6.752  6.378   1.00 1.43 ? 48 ILE A HG23 1 
ATOM 770 H HD11 . ILE A 1 48 ? -1.044  -4.084  4.902   1.00 1.73 ? 48 ILE A HD11 1 
ATOM 771 H HD12 . ILE A 1 48 ? -2.410  -3.644  3.877   1.00 1.62 ? 48 ILE A HD12 1 
ATOM 772 H HD13 . ILE A 1 48 ? -1.645  -2.424  4.896   1.00 1.89 ? 48 ILE A HD13 1 
ATOM 773 N N    . LEU A 1 49 ? -0.563  -5.154  9.678   1.00 0.87 ? 49 LEU A N    1 
ATOM 774 C CA   . LEU A 1 49 ? -0.052  -6.114  10.695  1.00 1.02 ? 49 LEU A CA   1 
ATOM 775 C C    . LEU A 1 49 ? -0.685  -5.810  12.054  1.00 1.06 ? 49 LEU A C    1 
ATOM 776 O O    . LEU A 1 49 ? -0.779  -6.667  12.909  1.00 1.21 ? 49 LEU A O    1 
ATOM 777 C CB   . LEU A 1 49 ? 1.467   -5.976  10.799  1.00 1.13 ? 49 LEU A CB   1 
ATOM 778 C CG   . LEU A 1 49 ? 2.121   -7.313  10.451  1.00 1.50 ? 49 LEU A CG   1 
ATOM 779 C CD1  . LEU A 1 49 ? 1.604   -7.803  9.097   1.00 2.00 ? 49 LEU A CD1  1 
ATOM 780 C CD2  . LEU A 1 49 ? 3.641   -7.136  10.389  1.00 2.13 ? 49 LEU A CD2  1 
ATOM 781 H H    . LEU A 1 49 ? 0.064   -4.579  9.192   1.00 0.88 ? 49 LEU A H    1 
ATOM 782 H HA   . LEU A 1 49 ? -0.302  -7.121  10.397  1.00 1.09 ? 49 LEU A HA   1 
ATOM 783 H HB2  . LEU A 1 49 ? 1.808   -5.215  10.110  1.00 1.31 ? 49 LEU A HB2  1 
ATOM 784 H HB3  . LEU A 1 49 ? 1.735   -5.696  11.806  1.00 1.41 ? 49 LEU A HB3  1 
ATOM 785 H HG   . LEU A 1 49 ? 1.873   -8.037  11.211  1.00 2.13 ? 49 LEU A HG   1 
ATOM 786 H HD11 . LEU A 1 49 ? 1.273   -6.959  8.509   1.00 2.48 ? 49 LEU A HD11 1 
ATOM 787 H HD12 . LEU A 1 49 ? 2.396   -8.316  8.572   1.00 2.19 ? 49 LEU A HD12 1 
ATOM 788 H HD13 . LEU A 1 49 ? 0.778   -8.481  9.251   1.00 2.62 ? 49 LEU A HD13 1 
ATOM 789 H HD21 . LEU A 1 49 ? 3.969   -6.542  11.228  1.00 2.44 ? 49 LEU A HD21 1 
ATOM 790 H HD22 . LEU A 1 49 ? 4.117   -8.105  10.426  1.00 2.64 ? 49 LEU A HD22 1 
ATOM 791 H HD23 . LEU A 1 49 ? 3.910   -6.638  9.468   1.00 2.62 ? 49 LEU A HD23 1 
ATOM 792 N N    . LYS A 1 50 ? -1.118  -4.597  12.262  1.00 0.98 ? 50 LYS A N    1 
ATOM 793 C CA   . LYS A 1 50 ? -1.741  -4.248  13.569  1.00 1.07 ? 50 LYS A CA   1 
ATOM 794 C C    . LYS A 1 50 ? -3.154  -3.708  13.337  1.00 1.03 ? 50 LYS A C    1 
ATOM 795 O O    . LYS A 1 50 ? -3.988  -3.725  14.221  1.00 1.24 ? 50 LYS A O    1 
ATOM 796 C CB   . LYS A 1 50 ? -0.891  -3.184  14.271  1.00 1.20 ? 50 LYS A CB   1 
ATOM 797 C CG   . LYS A 1 50 ? 0.540   -3.703  14.439  1.00 1.59 ? 50 LYS A CG   1 
ATOM 798 C CD   . LYS A 1 50 ? 1.333   -2.743  15.329  1.00 2.04 ? 50 LYS A CD   1 
ATOM 799 C CE   . LYS A 1 50 ? 2.699   -3.355  15.651  1.00 2.64 ? 50 LYS A CE   1 
ATOM 800 N NZ   . LYS A 1 50 ? 3.537   -2.354  16.368  1.00 3.20 ? 50 LYS A NZ   1 
ATOM 801 H H    . LYS A 1 50 ? -1.032  -3.916  11.560  1.00 0.91 ? 50 LYS A H    1 
ATOM 802 H HA   . LYS A 1 50 ? -1.792  -5.131  14.189  1.00 1.20 ? 50 LYS A HA   1 
ATOM 803 H HB2  . LYS A 1 50 ? -0.881  -2.282  13.676  1.00 1.43 ? 50 LYS A HB2  1 
ATOM 804 H HB3  . LYS A 1 50 ? -1.310  -2.972  15.242  1.00 1.47 ? 50 LYS A HB3  1 
ATOM 805 H HG2  . LYS A 1 50 ? 0.516   -4.682  14.894  1.00 2.06 ? 50 LYS A HG2  1 
ATOM 806 H HG3  . LYS A 1 50 ? 1.015   -3.768  13.471  1.00 2.06 ? 50 LYS A HG3  1 
ATOM 807 H HD2  . LYS A 1 50 ? 1.470   -1.803  14.814  1.00 2.27 ? 50 LYS A HD2  1 
ATOM 808 H HD3  . LYS A 1 50 ? 0.792   -2.575  16.249  1.00 2.50 ? 50 LYS A HD3  1 
ATOM 809 H HE2  . LYS A 1 50 ? 2.566   -4.226  16.274  1.00 3.13 ? 50 LYS A HE2  1 
ATOM 810 H HE3  . LYS A 1 50 ? 3.189   -3.642  14.732  1.00 2.81 ? 50 LYS A HE3  1 
ATOM 811 H HZ1  . LYS A 1 50 ? 3.023   -1.452  16.435  1.00 3.52 ? 50 LYS A HZ1  1 
ATOM 812 H HZ2  . LYS A 1 50 ? 3.752   -2.703  17.325  1.00 3.58 ? 50 LYS A HZ2  1 
ATOM 813 H HZ3  . LYS A 1 50 ? 4.424   -2.205  15.846  1.00 3.44 ? 50 LYS A HZ3  1 
ATOM 814 N N    . ALA A 1 51 ? -3.430  -3.231  12.154  1.00 1.03 ? 51 ALA A N    1 
ATOM 815 C CA   . ALA A 1 51 ? -4.790  -2.693  11.864  1.00 1.04 ? 51 ALA A CA   1 
ATOM 816 C C    . ALA A 1 51 ? -5.676  -3.808  11.306  1.00 1.07 ? 51 ALA A C    1 
ATOM 817 O O    . ALA A 1 51 ? -6.671  -3.553  10.657  1.00 1.50 ? 51 ALA A O    1 
ATOM 818 C CB   . ALA A 1 51 ? -4.684  -1.562  10.836  1.00 1.03 ? 51 ALA A CB   1 
ATOM 819 H H    . ALA A 1 51 ? -2.744  -3.228  11.455  1.00 1.21 ? 51 ALA A H    1 
ATOM 820 H HA   . ALA A 1 51 ? -5.226  -2.309  12.776  1.00 1.17 ? 51 ALA A HA   1 
ATOM 821 H HB1  . ALA A 1 51 ? -3.675  -1.516  10.453  1.00 1.38 ? 51 ALA A HB1  1 
ATOM 822 H HB2  . ALA A 1 51 ? -5.369  -1.749  10.021  1.00 1.40 ? 51 ALA A HB2  1 
ATOM 823 H HB3  . ALA A 1 51 ? -4.934  -0.622  11.307  1.00 1.39 ? 51 ALA A HB3  1 
ATOM 824 N N    . HIS A 1 52 ? -5.326  -5.042  11.551  1.00 1.16 ? 52 HIS A N    1 
ATOM 825 C CA   . HIS A 1 52 ? -6.156  -6.165  11.029  1.00 1.20 ? 52 HIS A CA   1 
ATOM 826 C C    . HIS A 1 52 ? -5.608  -7.500  11.542  1.00 1.34 ? 52 HIS A C    1 
ATOM 827 O O    . HIS A 1 52 ? -6.311  -8.488  11.597  1.00 1.88 ? 52 HIS A O    1 
ATOM 828 C CB   . HIS A 1 52 ? -6.121  -6.150  9.499   1.00 1.08 ? 52 HIS A CB   1 
ATOM 829 C CG   . HIS A 1 52 ? -5.256  -7.276  9.004   1.00 1.13 ? 52 HIS A CG   1 
ATOM 830 N ND1  . HIS A 1 52 ? -5.684  -8.158  8.023   1.00 1.43 ? 52 HIS A ND1  1 
ATOM 831 C CD2  . HIS A 1 52 ? -3.987  -7.676  9.341   1.00 1.65 ? 52 HIS A CD2  1 
ATOM 832 C CE1  . HIS A 1 52 ? -4.688  -9.037  7.807   1.00 1.36 ? 52 HIS A CE1  1 
ATOM 833 N NE2  . HIS A 1 52 ? -3.630  -8.788  8.585   1.00 1.56 ? 52 HIS A NE2  1 
ATOM 834 H H    . HIS A 1 52 ? -4.520  -5.230  12.075  1.00 1.53 ? 52 HIS A H    1 
ATOM 835 H HA   . HIS A 1 52 ? -7.175  -6.043  11.364  1.00 1.32 ? 52 HIS A HA   1 
ATOM 836 H HB2  . HIS A 1 52 ? -7.123  -6.268  9.114   1.00 1.16 ? 52 HIS A HB2  1 
ATOM 837 H HB3  . HIS A 1 52 ? -5.714  -5.209  9.160   1.00 1.02 ? 52 HIS A HB3  1 
ATOM 838 H HD1  . HIS A 1 52 ? -6.552  -8.145  7.571   1.00 2.02 ? 52 HIS A HD1  1 
ATOM 839 H HD2  . HIS A 1 52 ? -3.362  -7.201  10.082  1.00 2.36 ? 52 HIS A HD2  1 
ATOM 840 H HE1  . HIS A 1 52 ? -4.739  -9.846  7.093   1.00 1.68 ? 52 HIS A HE1  1 
ATOM 841 N N    . ALA A 1 53 ? -4.359  -7.538  11.919  1.00 1.69 ? 53 ALA A N    1 
ATOM 842 C CA   . ALA A 1 53 ? -3.776  -8.814  12.427  1.00 1.84 ? 53 ALA A CA   1 
ATOM 843 C C    . ALA A 1 53 ? -3.311  -8.624  13.872  1.00 2.06 ? 53 ALA A C    1 
ATOM 844 O O    . ALA A 1 53 ? -3.183  -9.619  14.567  1.00 2.21 ? 53 ALA A O    1 
ATOM 845 C CB   . ALA A 1 53 ? -2.586  -9.217  11.555  1.00 1.64 ? 53 ALA A CB   1 
ATOM 846 O OXT  . ALA A 1 53 ? -3.089  -7.489  14.258  1.00 2.61 ? 53 ALA A OXT  1 
ATOM 847 H H    . ALA A 1 53 ? -3.805  -6.732  11.869  1.00 2.24 ? 53 ALA A H    1 
ATOM 848 H HA   . ALA A 1 53 ? -4.526  -9.590  12.391  1.00 2.09 ? 53 ALA A HA   1 
ATOM 849 H HB1  . ALA A 1 53 ? -2.655  -8.721  10.599  1.00 1.93 ? 53 ALA A HB1  1 
ATOM 850 H HB2  . ALA A 1 53 ? -1.668  -8.929  12.044  1.00 1.86 ? 53 ALA A HB2  1 
ATOM 851 H HB3  . ALA A 1 53 ? -2.594  -10.287 11.407  1.00 1.93 ? 53 ALA A HB3  1 
# 
